data_7WLI
#
_entry.id   7WLI
#
_cell.length_a   1.00
_cell.length_b   1.00
_cell.length_c   1.00
_cell.angle_alpha   90.00
_cell.angle_beta   90.00
_cell.angle_gamma   90.00
#
_symmetry.space_group_name_H-M   'P 1'
#
loop_
_entity.id
_entity.type
_entity.pdbx_description
1 polymer 'Voltage-dependent T-type calcium channel subunit alpha-1I'
2 non-polymer 'CALCIUM ION'
3 non-polymer 2-acetamido-2-deoxy-beta-D-glucopyranose
4 non-polymer 1,2-Distearoyl-sn-glycerophosphoethanolamine
5 non-polymer 'CHOLESTEROL HEMISUCCINATE'
#
_entity_poly.entity_id   1
_entity_poly.type   'polypeptide(L)'
_entity_poly.pdbx_seq_one_letter_code
;MAESASPPSSSAAAPAAEPGVTTEQPGPRSPPSSPPGLEEPLDGADPHVPHPDLAPIAFFCLRQTTSPRNWCIKMVCNPW
FECVSMLVILLNCVTLGMYQPCDDMDCLSDRCKILQVFDDFIFIFFAMEMVLKMVALGIFGKKCYLGDTWNRLDFFIVMA
GMVEYSLDLQNINLSAIRTVRVLRPLKAINRVPSMRILVNLLLDTLPMLGNVLLLCFFVFFIFGIIGVQLWAGLLRNRCF
LEENFTIQGDVALPPYYQPEEDDEMPFICSLSGDNGIMGCHEIPPLKEQGRECCLSKDDVYDFGAGRQDLNASGLCVNWN
RYYNVCRTGSANPHKGAINFDNIGYAWIVIFQVITLEGWVEIMYYVMDAHSFYNFIYFILLIIVGSFFMINLCLVVIATQ
FSETKQREHRLMLEQRQRYLSSSTVASYAEPGDCYEEIFQYVCHILRKAKRRALGLYQALQSRRQALGPEAPAPAKPGPH
AKEPRHYHGKTKGQGDEGRHLGSRHCQTLHGPASPGNDHSGRELCPQHSPLDATPHTLVQPIPATLASDPASCPCCQHED
GRRPSGLGSTDSGQEGSGSGSSAGGEDEADGDGARSSEDGASSELGKEEEEEEQADGAVWLCGDVWRETRAKLRGIVDSK
YFNRGIMMAILVNTVSMGIEHHEQPEELTNILEICNVVFTSMFALEMILKLAAFGLFDYLRNPYNIFDSIIVIISIWEIV
GQADGGLSVLRTFRLLRVLKLVRFMPALRRQLVVLMKTMDNVATFCMLLMLFIFIFSILGMHIFGCKFSLRTDTGDTVPD
RKNFDSLLWAIVTVFQILTQEDWNVVLYNGMASTSPWASLYFVALMTFGNYVLFNLLVAILVEGFQAEGDANRSYSDEDQ
SSSNIEEFDKLQEGLDSSGDPKLCPIPMTPNGHLDPSLPLGGHLGPAGAAGPAPRLSLQPDPMLVALGSRKSSVMSLGRM
SYDQRSLSSSRSSYYGPWGRSAAWASRRSSWNSLKHKPPSAEHESLLSAERGGGARVCEVAADEGPPRAAPLHTPHAHHI
HHGPHLAHRHRHHRRTLSLDNRDSVDLAELVPAVGAHPRAAWRAAGPAPGHEDCNGRMPSIAKDVFTKMGDRGDRGEDEE
EIDYTLCFRVRKMIDVYKPDWCEVREDWSVYLFSPENRFRVLCQTIIAHKLFDYVVLAFIFLNCITIALERPQIEAGSTE
RIFLTVSNYIFTAIFVGEMTLKVVSLGLYFGEQAYLRSSWNVLDGFLVFVSIIDIVVSLASAGGAKILGVLRVLRLLRTL
RPLRVISRAPGLKLVVETLISSLKPIGNIVLICCAFFIIFGILGVQLFKGKFYHCLGVDTRNITNRSDCMAANYRWVHHK
YNFDNLGQALMSLFVLASKDGWVNIMYNGLDAVAVDQQPVTNHNPWMLLYFISFLLIVSFFVLNMFVGVVVENFHKCRQH
QEAEEARRREEKRLRRLEKKRRKAQRLPYYATYCHTRLLIHSMCTSHYLDIFITFIICLNVVTMSLEHYNQPTSLETALK
YCNYMFTTVFVLEAVLKLVAFGLRRFFKDRWNQLDLAIVLLSVMGITLEEIEINAALPINPTIIRIMRVLRIARVLKLLK
MATGMRALLDTVVQALPQVGNLGLLFMLLFFIYAALGVELFGKLVCNDENPCEGMSRHATFENFGMAFLTLFQVSTGDNW
NGIMKDTLRDCTHDERSCLSSLQFVSPLYFVSFVLTAQFVLINVVVAVLMKHLDDSNKEAQEDAEMDAELELEMAHGLGP
GPRLPTGSPGAPGRGPGGAGGGGDTEGGLCRRCYSPAQENLWLDSVSLIIKDSLEGELTIIDNLSGSIFHHYSSPAGCKK
CHHDKQEVQLAETEAFSLNSDRSSSILLGDDLSLEDPTACPPGRKDSKGELDPPEPMRVGDLGECFFPLSSTAVSPDPEN
FLCEMEEIPFNPVRSWLKHDSSQAPPSPFSPDASSPLLPMPAEFFHPAVSASQKGPEKGTGTGTLPKIALQGSWASLRSP
RVNCTLLRQATGSDTSLDASPSSSAGSLQTTLEDSLTLSDSPRRALGPPAPAPGPRAGLSPAARRRLSLRGRGLFSLRGL
RAHQRSHSSGGSTSPGCTHHDSMDPSDEEGRGGAGGGGAGSEHSETLSSLSLTSLFCPPPPPPAPGLTPARKFSSTSSLA
APGRPHAAALAHGLARSPSWAADRSKDPPGRAPLPMGLGPLAPPPQPLPGELEPGDAASKRKR
;
_entity_poly.pdbx_strand_id   A
#
# COMPACT_ATOMS: atom_id res chain seq x y z
N THR A 66 51.96 13.40 -17.11
CA THR A 66 53.24 14.03 -16.80
C THR A 66 53.90 13.35 -15.60
N SER A 67 55.10 13.81 -15.25
CA SER A 67 55.82 13.23 -14.12
C SER A 67 55.09 13.40 -12.80
N PRO A 68 54.59 14.59 -12.42
CA PRO A 68 53.83 14.67 -11.15
C PRO A 68 52.60 13.78 -11.14
N ARG A 69 51.90 13.66 -12.27
CA ARG A 69 50.76 12.75 -12.35
C ARG A 69 51.22 11.30 -12.23
N ASN A 70 52.33 10.95 -12.88
CA ASN A 70 52.81 9.57 -12.88
C ASN A 70 53.20 9.08 -11.50
N TRP A 71 53.52 9.99 -10.58
CA TRP A 71 53.94 9.57 -9.24
C TRP A 71 52.83 8.87 -8.49
N CYS A 72 51.59 9.33 -8.65
CA CYS A 72 50.48 8.85 -7.84
C CYS A 72 49.50 7.95 -8.58
N ILE A 73 49.58 7.87 -9.92
CA ILE A 73 48.58 7.10 -10.67
C ILE A 73 48.61 5.63 -10.26
N LYS A 74 49.79 5.09 -9.97
CA LYS A 74 49.86 3.68 -9.58
C LYS A 74 49.11 3.42 -8.29
N MET A 75 49.24 4.33 -7.31
CA MET A 75 48.50 4.17 -6.05
C MET A 75 47.00 4.38 -6.26
N VAL A 76 46.64 5.39 -7.06
CA VAL A 76 45.23 5.68 -7.30
C VAL A 76 44.57 4.51 -8.02
N CYS A 77 45.22 4.00 -9.06
CA CYS A 77 44.67 2.90 -9.84
C CYS A 77 44.82 1.55 -9.16
N ASN A 78 45.57 1.48 -8.06
CA ASN A 78 45.72 0.25 -7.32
C ASN A 78 44.40 -0.12 -6.66
N PRO A 79 43.86 -1.31 -6.89
CA PRO A 79 42.61 -1.70 -6.20
C PRO A 79 42.74 -1.73 -4.69
N TRP A 80 43.96 -1.76 -4.15
CA TRP A 80 44.14 -1.59 -2.71
C TRP A 80 43.59 -0.26 -2.25
N PHE A 81 43.68 0.78 -3.09
CA PHE A 81 43.14 2.07 -2.72
C PHE A 81 41.61 2.03 -2.62
N GLU A 82 40.95 1.35 -3.56
CA GLU A 82 39.50 1.19 -3.44
C GLU A 82 39.14 0.31 -2.24
N CYS A 83 39.98 -0.67 -1.91
CA CYS A 83 39.71 -1.51 -0.75
C CYS A 83 39.76 -0.68 0.54
N VAL A 84 40.79 0.14 0.70
CA VAL A 84 40.86 0.99 1.88
C VAL A 84 39.78 2.07 1.82
N SER A 85 39.35 2.47 0.63
CA SER A 85 38.23 3.40 0.50
C SER A 85 36.96 2.80 1.08
N MET A 86 36.65 1.55 0.70
CA MET A 86 35.52 0.87 1.34
C MET A 86 35.72 0.68 2.83
N LEU A 87 36.94 0.37 3.25
CA LEU A 87 37.19 0.19 4.68
C LEU A 87 36.82 1.46 5.44
N VAL A 88 37.29 2.61 4.98
CA VAL A 88 37.01 3.85 5.68
C VAL A 88 35.57 4.29 5.49
N ILE A 89 34.95 3.93 4.36
CA ILE A 89 33.53 4.26 4.17
C ILE A 89 32.67 3.52 5.18
N LEU A 90 32.93 2.22 5.35
CA LEU A 90 32.18 1.46 6.35
C LEU A 90 32.52 1.91 7.77
N LEU A 91 33.78 2.29 8.01
CA LEU A 91 34.13 2.83 9.32
C LEU A 91 33.39 4.14 9.57
N ASN A 92 33.26 4.98 8.54
CA ASN A 92 32.49 6.22 8.67
C ASN A 92 31.02 5.94 8.94
N CYS A 93 30.47 4.92 8.28
CA CYS A 93 29.10 4.51 8.58
C CYS A 93 28.95 4.10 10.03
N VAL A 94 29.91 3.32 10.54
CA VAL A 94 29.86 2.90 11.94
C VAL A 94 29.98 4.11 12.87
N THR A 95 30.79 5.10 12.48
CA THR A 95 30.94 6.29 13.32
C THR A 95 29.67 7.13 13.31
N LEU A 96 28.99 7.20 12.17
CA LEU A 96 27.71 7.92 12.12
C LEU A 96 26.65 7.19 12.90
N GLY A 97 26.69 5.86 12.93
CA GLY A 97 25.67 5.09 13.62
C GLY A 97 25.70 5.23 15.13
N MET A 98 26.83 5.64 15.69
CA MET A 98 27.00 5.68 17.14
C MET A 98 26.49 6.97 17.77
N TYR A 99 25.93 7.88 16.97
CA TYR A 99 25.34 9.10 17.52
C TYR A 99 24.19 8.74 18.45
N GLN A 100 24.18 9.38 19.62
CA GLN A 100 23.11 9.20 20.61
C GLN A 100 22.45 10.56 20.83
N PRO A 101 21.41 10.90 20.04
CA PRO A 101 20.84 12.24 20.14
C PRO A 101 20.35 12.59 21.54
N CYS A 102 19.78 11.63 22.26
CA CYS A 102 19.33 11.89 23.62
C CYS A 102 20.51 12.13 24.56
N ASP A 103 21.59 11.39 24.39
CA ASP A 103 22.71 11.43 25.33
C ASP A 103 23.88 12.28 24.86
N ASP A 104 24.12 12.37 23.55
CA ASP A 104 25.24 13.16 23.04
C ASP A 104 24.85 14.64 22.99
N MET A 105 24.80 15.24 24.18
CA MET A 105 24.47 16.64 24.33
C MET A 105 25.77 17.44 24.32
N ASP A 106 26.02 18.14 23.21
CA ASP A 106 27.21 18.93 22.97
C ASP A 106 28.48 18.09 23.01
N CYS A 107 28.36 16.76 23.05
CA CYS A 107 29.49 15.84 22.96
C CYS A 107 30.43 15.98 24.16
N LEU A 108 29.85 16.09 25.35
CA LEU A 108 30.63 16.08 26.59
C LEU A 108 30.67 14.68 27.19
N SER A 109 31.22 13.74 26.42
CA SER A 109 31.33 12.36 26.86
C SER A 109 32.53 11.72 26.18
N ASP A 110 32.92 10.55 26.69
CA ASP A 110 34.08 9.84 26.15
C ASP A 110 33.84 9.44 24.70
N ARG A 111 32.86 8.56 24.47
CA ARG A 111 32.60 8.06 23.14
C ARG A 111 32.35 9.19 22.15
N CYS A 112 31.77 10.29 22.61
CA CYS A 112 31.64 11.45 21.74
C CYS A 112 33.01 11.93 21.27
N LYS A 113 33.99 11.99 22.17
CA LYS A 113 35.32 12.46 21.79
C LYS A 113 36.04 11.47 20.88
N ILE A 114 35.99 10.18 21.20
CA ILE A 114 36.63 9.20 20.31
C ILE A 114 35.97 9.21 18.93
N LEU A 115 34.65 9.36 18.88
CA LEU A 115 33.98 9.41 17.59
C LEU A 115 34.32 10.67 16.81
N GLN A 116 34.50 11.80 17.52
CA GLN A 116 34.99 12.99 16.84
C GLN A 116 36.37 12.76 16.24
N VAL A 117 37.26 12.10 16.98
CA VAL A 117 38.58 11.79 16.45
C VAL A 117 38.48 10.88 15.24
N PHE A 118 37.60 9.88 15.31
CA PHE A 118 37.42 8.96 14.19
C PHE A 118 36.94 9.70 12.94
N ASP A 119 35.92 10.55 13.09
CA ASP A 119 35.41 11.30 11.96
C ASP A 119 36.45 12.29 11.44
N ASP A 120 37.28 12.85 12.32
CA ASP A 120 38.38 13.70 11.90
C ASP A 120 39.32 12.94 10.99
N PHE A 121 39.72 11.73 11.40
CA PHE A 121 40.60 10.92 10.55
C PHE A 121 39.92 10.57 9.23
N ILE A 122 38.63 10.27 9.27
CA ILE A 122 37.90 9.93 8.05
C ILE A 122 37.94 11.10 7.07
N PHE A 123 37.67 12.30 7.57
CA PHE A 123 37.68 13.47 6.68
C PHE A 123 39.09 13.80 6.20
N ILE A 124 40.10 13.59 7.06
CA ILE A 124 41.48 13.79 6.61
C ILE A 124 41.78 12.87 5.44
N PHE A 125 41.38 11.60 5.54
CA PHE A 125 41.71 10.68 4.45
C PHE A 125 40.88 11.04 3.22
N PHE A 126 39.63 11.46 3.41
CA PHE A 126 38.82 11.86 2.25
C PHE A 126 39.47 13.03 1.52
N ALA A 127 39.95 14.03 2.26
CA ALA A 127 40.65 15.15 1.63
C ALA A 127 41.91 14.67 0.93
N MET A 128 42.67 13.79 1.57
CA MET A 128 43.91 13.29 0.98
C MET A 128 43.63 12.56 -0.33
N GLU A 129 42.62 11.68 -0.33
CA GLU A 129 42.32 10.93 -1.54
C GLU A 129 41.76 11.84 -2.63
N MET A 130 41.01 12.87 -2.24
CA MET A 130 40.53 13.84 -3.21
C MET A 130 41.71 14.53 -3.90
N VAL A 131 42.63 15.09 -3.11
CA VAL A 131 43.76 15.80 -3.72
C VAL A 131 44.63 14.85 -4.52
N LEU A 132 44.77 13.60 -4.06
CA LEU A 132 45.52 12.61 -4.81
C LEU A 132 44.89 12.36 -6.18
N LYS A 133 43.55 12.26 -6.23
CA LYS A 133 42.90 12.02 -7.51
C LYS A 133 42.88 13.25 -8.41
N MET A 134 42.88 14.46 -7.85
CA MET A 134 43.08 15.62 -8.71
C MET A 134 44.50 15.65 -9.28
N VAL A 135 45.50 15.32 -8.47
CA VAL A 135 46.88 15.45 -8.93
C VAL A 135 47.30 14.19 -9.69
N ALA A 136 46.35 13.29 -9.96
CA ALA A 136 46.65 12.11 -10.74
C ALA A 136 45.70 11.89 -11.92
N LEU A 137 44.67 12.70 -12.08
CA LEU A 137 43.73 12.50 -13.19
C LEU A 137 43.31 13.79 -13.89
N GLY A 138 43.73 14.96 -13.42
CA GLY A 138 43.27 16.21 -13.99
C GLY A 138 41.91 16.62 -13.45
N ILE A 139 41.53 17.85 -13.76
CA ILE A 139 40.32 18.47 -13.23
C ILE A 139 39.52 19.09 -14.37
N PHE A 140 38.20 18.98 -14.29
CA PHE A 140 37.28 19.70 -15.17
C PHE A 140 37.41 19.23 -16.63
N GLY A 141 37.26 17.93 -16.82
CA GLY A 141 37.30 17.35 -18.15
C GLY A 141 36.79 15.92 -18.12
N LYS A 142 36.53 15.40 -19.32
CA LYS A 142 35.97 14.05 -19.44
C LYS A 142 36.93 13.00 -18.84
N LYS A 143 38.19 13.01 -19.28
CA LYS A 143 39.19 12.15 -18.69
C LYS A 143 39.57 12.60 -17.28
N CYS A 144 39.27 13.86 -16.94
CA CYS A 144 39.70 14.43 -15.68
C CYS A 144 38.92 13.81 -14.51
N TYR A 145 39.20 14.33 -13.31
CA TYR A 145 38.58 13.79 -12.10
C TYR A 145 37.07 13.96 -12.15
N LEU A 146 36.58 15.10 -12.61
CA LEU A 146 35.15 15.34 -12.68
C LEU A 146 34.57 14.76 -13.97
N GLY A 147 34.88 13.50 -14.25
CA GLY A 147 34.30 12.81 -15.38
C GLY A 147 33.10 11.97 -14.97
N ASP A 148 33.29 11.15 -13.95
CA ASP A 148 32.22 10.33 -13.42
C ASP A 148 31.40 11.12 -12.42
N THR A 149 30.09 10.83 -12.38
CA THR A 149 29.18 11.58 -11.52
C THR A 149 29.60 11.49 -10.06
N TRP A 150 29.90 10.28 -9.60
CA TRP A 150 30.17 10.08 -8.17
C TRP A 150 31.46 10.77 -7.71
N ASN A 151 32.39 11.04 -8.63
CA ASN A 151 33.54 11.86 -8.26
C ASN A 151 33.10 13.27 -7.88
N ARG A 152 32.14 13.82 -8.63
CA ARG A 152 31.57 15.11 -8.25
C ARG A 152 30.91 15.01 -6.88
N LEU A 153 30.25 13.89 -6.60
CA LEU A 153 29.63 13.71 -5.28
C LEU A 153 30.69 13.69 -4.18
N ASP A 154 31.79 12.99 -4.42
CA ASP A 154 32.88 12.97 -3.44
C ASP A 154 33.42 14.37 -3.21
N PHE A 155 33.59 15.14 -4.28
CA PHE A 155 34.00 16.53 -4.15
C PHE A 155 32.98 17.32 -3.33
N PHE A 156 31.70 17.00 -3.51
CA PHE A 156 30.64 17.71 -2.80
C PHE A 156 30.72 17.46 -1.29
N ILE A 157 30.83 16.20 -0.88
CA ILE A 157 31.02 15.92 0.54
C ILE A 157 32.32 16.54 1.05
N VAL A 158 33.38 16.52 0.24
CA VAL A 158 34.64 17.10 0.70
C VAL A 158 34.45 18.59 0.99
N MET A 159 33.82 19.31 0.06
CA MET A 159 33.59 20.74 0.26
C MET A 159 32.69 21.01 1.46
N ALA A 160 31.61 20.24 1.59
CA ALA A 160 30.69 20.44 2.71
C ALA A 160 31.36 20.17 4.04
N GLY A 161 32.17 19.11 4.11
CA GLY A 161 32.89 18.82 5.33
C GLY A 161 33.93 19.88 5.67
N MET A 162 34.59 20.42 4.64
CA MET A 162 35.54 21.51 4.89
C MET A 162 34.81 22.74 5.44
N VAL A 163 33.65 23.05 4.88
CA VAL A 163 32.85 24.16 5.39
C VAL A 163 32.45 23.91 6.84
N GLU A 164 31.99 22.69 7.13
CA GLU A 164 31.60 22.35 8.49
C GLU A 164 32.77 22.47 9.46
N TYR A 165 33.95 22.01 9.05
CA TYR A 165 35.14 22.12 9.88
C TYR A 165 35.50 23.59 10.14
N SER A 166 35.40 24.41 9.09
CA SER A 166 35.69 25.83 9.26
C SER A 166 34.73 26.49 10.24
N LEU A 167 33.43 26.20 10.11
CA LEU A 167 32.45 26.73 11.05
C LEU A 167 32.68 26.19 12.46
N ASP A 168 33.17 24.96 12.58
CA ASP A 168 33.56 24.44 13.89
C ASP A 168 34.70 25.25 14.49
N LEU A 169 35.67 25.61 13.66
CA LEU A 169 36.74 26.48 14.13
C LEU A 169 36.21 27.85 14.54
N GLN A 170 35.27 28.40 13.75
CA GLN A 170 34.67 29.70 14.02
C GLN A 170 33.71 29.70 15.20
N ASN A 171 33.59 28.59 15.93
CA ASN A 171 32.71 28.50 17.10
C ASN A 171 31.26 28.76 16.73
N ILE A 172 30.86 28.37 15.53
CA ILE A 172 29.47 28.47 15.07
C ILE A 172 28.93 27.06 14.94
N ASN A 173 28.09 26.66 15.89
CA ASN A 173 27.57 25.29 15.91
C ASN A 173 26.76 25.00 14.66
N LEU A 174 25.63 25.68 14.49
CA LEU A 174 24.79 25.60 13.29
C LEU A 174 24.58 24.14 12.88
N SER A 175 23.84 23.42 13.73
CA SER A 175 23.64 21.99 13.47
C SER A 175 22.64 22.00 12.33
N ALA A 176 23.14 22.24 11.11
CA ALA A 176 22.44 21.99 9.86
C ALA A 176 23.38 21.60 8.73
N ILE A 177 24.69 21.77 8.89
CA ILE A 177 25.68 21.33 7.91
C ILE A 177 26.29 20.04 8.42
N ARG A 178 26.27 19.86 9.75
CA ARG A 178 26.58 18.55 10.31
C ARG A 178 25.59 17.50 9.83
N THR A 179 24.42 17.92 9.37
CA THR A 179 23.41 17.05 8.80
C THR A 179 23.71 16.77 7.31
N VAL A 180 24.94 17.05 6.88
CA VAL A 180 25.43 16.59 5.59
C VAL A 180 26.27 15.32 5.75
N ARG A 181 26.83 15.08 6.94
CA ARG A 181 27.48 13.81 7.23
C ARG A 181 26.64 12.62 6.79
N VAL A 182 25.32 12.76 6.84
CA VAL A 182 24.42 11.67 6.47
C VAL A 182 24.60 11.27 5.00
N LEU A 183 25.19 12.13 4.19
CA LEU A 183 25.42 11.81 2.79
C LEU A 183 26.73 11.08 2.56
N ARG A 184 27.60 11.03 3.57
CA ARG A 184 28.88 10.34 3.39
C ARG A 184 28.74 8.85 3.06
N PRO A 185 27.84 8.09 3.67
CA PRO A 185 27.67 6.68 3.26
C PRO A 185 27.36 6.52 1.78
N LEU A 186 26.75 7.53 1.15
CA LEU A 186 26.33 7.41 -0.24
C LEU A 186 27.51 7.23 -1.19
N LYS A 187 28.74 7.53 -0.73
CA LYS A 187 29.91 7.37 -1.58
C LYS A 187 30.24 5.91 -1.87
N ALA A 188 29.70 4.97 -1.08
CA ALA A 188 29.98 3.56 -1.28
C ALA A 188 29.41 3.02 -2.58
N ILE A 189 28.55 3.79 -3.25
CA ILE A 189 27.95 3.34 -4.50
C ILE A 189 29.01 3.17 -5.58
N ASN A 190 29.96 4.11 -5.64
CA ASN A 190 30.93 4.10 -6.73
C ASN A 190 31.99 3.02 -6.55
N ARG A 191 32.30 2.66 -5.30
CA ARG A 191 33.36 1.71 -5.01
C ARG A 191 32.87 0.27 -4.94
N VAL A 192 31.76 -0.03 -5.60
CA VAL A 192 31.25 -1.39 -5.75
C VAL A 192 30.80 -1.54 -7.19
N PRO A 193 31.29 -2.53 -7.94
CA PRO A 193 30.97 -2.57 -9.37
C PRO A 193 29.51 -2.83 -9.67
N SER A 194 28.92 -3.87 -9.09
CA SER A 194 27.50 -4.14 -9.35
C SER A 194 26.62 -3.01 -8.85
N MET A 195 26.92 -2.48 -7.65
CA MET A 195 26.15 -1.36 -7.13
C MET A 195 26.30 -0.13 -8.03
N ARG A 196 27.52 0.14 -8.50
CA ARG A 196 27.72 1.30 -9.38
C ARG A 196 26.95 1.14 -10.67
N ILE A 197 26.97 -0.05 -11.26
CA ILE A 197 26.23 -0.27 -12.51
C ILE A 197 24.74 -0.11 -12.28
N LEU A 198 24.22 -0.68 -11.20
CA LEU A 198 22.78 -0.57 -10.92
C LEU A 198 22.37 0.87 -10.68
N VAL A 199 23.16 1.61 -9.90
CA VAL A 199 22.81 2.98 -9.59
C VAL A 199 22.94 3.87 -10.82
N ASN A 200 23.93 3.59 -11.68
CA ASN A 200 24.04 4.34 -12.93
C ASN A 200 22.85 4.06 -13.82
N LEU A 201 22.38 2.80 -13.85
CA LEU A 201 21.19 2.47 -14.62
C LEU A 201 19.97 3.20 -14.08
N LEU A 202 19.85 3.28 -12.76
CA LEU A 202 18.74 4.03 -12.15
C LEU A 202 18.83 5.51 -12.47
N LEU A 203 20.02 6.09 -12.39
CA LEU A 203 20.19 7.51 -12.70
C LEU A 203 19.95 7.79 -14.18
N ASP A 204 20.14 6.78 -15.04
CA ASP A 204 19.85 6.97 -16.46
C ASP A 204 18.38 6.74 -16.78
N THR A 205 17.67 5.94 -15.96
CA THR A 205 16.24 5.77 -16.15
C THR A 205 15.42 6.85 -15.46
N LEU A 206 16.04 7.63 -14.56
CA LEU A 206 15.33 8.75 -13.95
C LEU A 206 14.88 9.81 -14.94
N PRO A 207 15.71 10.30 -15.88
CA PRO A 207 15.26 11.38 -16.76
C PRO A 207 14.08 11.02 -17.65
N MET A 208 13.80 9.74 -17.84
CA MET A 208 12.62 9.31 -18.57
C MET A 208 11.41 9.11 -17.65
N LEU A 209 11.56 9.44 -16.37
CA LEU A 209 10.49 9.36 -15.38
C LEU A 209 9.80 10.70 -15.15
N GLY A 210 10.30 11.77 -15.76
CA GLY A 210 9.69 13.07 -15.62
C GLY A 210 8.27 13.12 -16.12
N ASN A 211 7.90 12.22 -17.04
CA ASN A 211 6.53 12.21 -17.53
C ASN A 211 5.55 11.79 -16.44
N VAL A 212 5.83 10.66 -15.76
CA VAL A 212 4.95 10.28 -14.68
C VAL A 212 5.10 11.24 -13.51
N LEU A 213 6.25 11.91 -13.37
CA LEU A 213 6.33 12.96 -12.35
C LEU A 213 5.44 14.15 -12.72
N LEU A 214 5.27 14.43 -14.01
CA LEU A 214 4.36 15.49 -14.42
C LEU A 214 2.91 15.09 -14.17
N LEU A 215 2.59 13.81 -14.39
CA LEU A 215 1.28 13.31 -13.96
C LEU A 215 1.10 13.49 -12.45
N CYS A 216 2.15 13.19 -11.69
CA CYS A 216 2.12 13.38 -10.25
C CYS A 216 1.81 14.83 -9.90
N PHE A 217 2.50 15.77 -10.55
CA PHE A 217 2.24 17.18 -10.30
C PHE A 217 0.82 17.57 -10.68
N PHE A 218 0.33 17.07 -11.81
CA PHE A 218 -1.02 17.44 -12.25
C PHE A 218 -2.06 17.00 -11.23
N VAL A 219 -2.03 15.72 -10.84
CA VAL A 219 -3.07 15.22 -9.96
C VAL A 219 -2.75 15.47 -8.49
N PHE A 220 -1.62 16.12 -8.19
CA PHE A 220 -1.45 16.73 -6.88
C PHE A 220 -1.94 18.17 -6.86
N PHE A 221 -1.66 18.93 -7.91
CA PHE A 221 -2.02 20.34 -7.93
C PHE A 221 -3.52 20.54 -8.09
N ILE A 222 -4.15 19.73 -8.94
CA ILE A 222 -5.60 19.84 -9.11
C ILE A 222 -6.31 19.62 -7.79
N PHE A 223 -5.97 18.53 -7.11
CA PHE A 223 -6.59 18.21 -5.84
C PHE A 223 -6.17 19.18 -4.75
N GLY A 224 -4.97 19.73 -4.82
CA GLY A 224 -4.55 20.72 -3.84
C GLY A 224 -5.34 22.01 -3.97
N ILE A 225 -5.55 22.47 -5.20
CA ILE A 225 -6.36 23.67 -5.42
C ILE A 225 -7.80 23.42 -4.97
N ILE A 226 -8.35 22.26 -5.33
CA ILE A 226 -9.72 21.98 -4.93
C ILE A 226 -9.83 21.92 -3.41
N GLY A 227 -8.88 21.27 -2.75
CA GLY A 227 -8.91 21.17 -1.30
C GLY A 227 -8.77 22.50 -0.62
N VAL A 228 -7.81 23.33 -1.07
CA VAL A 228 -7.62 24.63 -0.43
C VAL A 228 -8.82 25.54 -0.68
N GLN A 229 -9.45 25.43 -1.85
CA GLN A 229 -10.60 26.28 -2.15
C GLN A 229 -11.85 25.83 -1.38
N LEU A 230 -12.01 24.53 -1.16
CA LEU A 230 -13.17 24.06 -0.40
C LEU A 230 -12.98 24.24 1.09
N TRP A 231 -11.90 23.71 1.66
CA TRP A 231 -11.76 23.56 3.10
C TRP A 231 -10.67 24.46 3.67
N ALA A 232 -10.62 25.70 3.21
CA ALA A 232 -9.62 26.65 3.70
C ALA A 232 -9.96 27.02 5.13
N GLY A 233 -9.27 26.40 6.09
CA GLY A 233 -9.47 26.72 7.49
C GLY A 233 -10.69 26.08 8.13
N LEU A 234 -11.45 25.27 7.38
CA LEU A 234 -12.62 24.63 7.95
C LEU A 234 -12.25 23.68 9.08
N LEU A 235 -11.15 22.94 8.92
CA LEU A 235 -10.71 21.99 9.95
C LEU A 235 -10.53 22.63 11.32
N ARG A 236 -10.48 23.96 11.42
CA ARG A 236 -10.18 24.61 12.67
C ARG A 236 -11.39 24.76 13.60
N ASN A 237 -12.61 24.67 13.07
CA ASN A 237 -13.78 25.09 13.84
C ASN A 237 -14.15 24.09 14.94
N ARG A 238 -13.55 24.24 16.10
CA ARG A 238 -13.98 23.47 17.26
C ARG A 238 -15.20 24.13 17.90
N CYS A 239 -15.89 23.37 18.76
CA CYS A 239 -17.16 23.78 19.32
C CYS A 239 -16.93 24.46 20.67
N PHE A 240 -17.15 25.77 20.71
CA PHE A 240 -16.83 26.59 21.87
C PHE A 240 -18.04 26.75 22.78
N LEU A 241 -17.81 27.39 23.92
CA LEU A 241 -18.88 27.85 24.78
C LEU A 241 -19.58 29.05 24.12
N GLU A 242 -20.70 29.45 24.71
CA GLU A 242 -21.39 30.64 24.24
C GLU A 242 -20.49 31.87 24.37
N GLU A 243 -20.84 32.91 23.61
CA GLU A 243 -19.99 34.09 23.54
C GLU A 243 -19.87 34.78 24.91
N ASN A 244 -21.00 35.05 25.54
CA ASN A 244 -21.04 35.67 26.87
C ASN A 244 -21.47 34.59 27.86
N PHE A 245 -20.49 33.88 28.41
CA PHE A 245 -20.74 32.75 29.29
C PHE A 245 -20.64 33.21 30.74
N THR A 246 -21.60 32.78 31.57
CA THR A 246 -21.65 33.14 32.98
C THR A 246 -21.39 31.89 33.81
N ILE A 247 -20.39 31.97 34.69
CA ILE A 247 -20.02 30.89 35.59
C ILE A 247 -19.88 31.46 37.00
N GLN A 248 -20.40 30.73 37.98
CA GLN A 248 -20.31 31.18 39.37
C GLN A 248 -18.86 31.25 39.84
N GLY A 249 -18.06 30.25 39.50
CA GLY A 249 -16.68 30.23 39.91
C GLY A 249 -16.05 28.89 39.61
N ASP A 250 -14.76 28.79 39.90
CA ASP A 250 -13.96 27.60 39.65
C ASP A 250 -14.10 27.17 38.19
N VAL A 251 -13.60 28.03 37.31
CA VAL A 251 -13.77 27.85 35.87
C VAL A 251 -12.88 26.71 35.40
N ALA A 252 -13.46 25.51 35.27
CA ALA A 252 -12.74 24.35 34.78
C ALA A 252 -13.08 23.99 33.35
N LEU A 253 -14.04 24.67 32.74
CA LEU A 253 -14.46 24.34 31.38
C LEU A 253 -13.42 24.81 30.37
N PRO A 254 -12.91 23.94 29.51
CA PRO A 254 -12.02 24.38 28.45
C PRO A 254 -12.76 25.27 27.46
N PRO A 255 -12.04 26.16 26.75
CA PRO A 255 -12.74 27.10 25.86
C PRO A 255 -13.60 26.42 24.82
N TYR A 256 -13.20 25.27 24.31
CA TYR A 256 -14.05 24.50 23.41
C TYR A 256 -14.20 23.07 23.93
N TYR A 257 -14.83 22.21 23.15
CA TYR A 257 -15.10 20.83 23.54
C TYR A 257 -14.18 19.89 22.77
N GLN A 258 -13.48 19.04 23.50
CA GLN A 258 -12.63 18.01 22.91
C GLN A 258 -12.99 16.66 23.55
N PRO A 259 -13.29 15.63 22.75
CA PRO A 259 -13.55 14.32 23.33
C PRO A 259 -12.36 13.74 24.07
N GLU A 260 -11.21 13.66 23.41
CA GLU A 260 -9.98 13.15 24.00
C GLU A 260 -9.09 14.29 24.47
N GLU A 261 -8.19 13.98 25.38
CA GLU A 261 -7.33 15.00 25.98
C GLU A 261 -6.34 15.54 24.96
N ASP A 262 -6.05 16.83 25.06
CA ASP A 262 -5.06 17.51 24.23
C ASP A 262 -5.40 17.40 22.74
N ASP A 263 -6.68 17.37 22.42
CA ASP A 263 -7.16 17.38 21.02
C ASP A 263 -6.57 16.22 20.22
N GLU A 264 -6.42 15.05 20.86
CA GLU A 264 -5.96 13.88 20.11
C GLU A 264 -6.99 13.42 19.10
N MET A 265 -8.27 13.52 19.43
CA MET A 265 -9.37 13.24 18.50
C MET A 265 -10.24 14.48 18.48
N PRO A 266 -9.91 15.45 17.64
CA PRO A 266 -10.62 16.74 17.67
C PRO A 266 -12.07 16.63 17.24
N PHE A 267 -12.84 17.62 17.66
CA PHE A 267 -14.30 17.66 17.55
C PHE A 267 -14.77 18.61 16.46
N ILE A 268 -14.13 18.61 15.28
CA ILE A 268 -14.43 19.55 14.21
C ILE A 268 -15.93 19.59 13.94
N CYS A 269 -16.53 20.76 14.08
CA CYS A 269 -17.97 20.94 13.95
C CYS A 269 -18.31 21.21 12.48
N SER A 270 -19.55 21.63 12.24
CA SER A 270 -19.96 22.17 10.96
C SER A 270 -20.44 23.60 11.18
N LEU A 271 -20.00 24.51 10.32
CA LEU A 271 -20.36 25.91 10.48
C LEU A 271 -21.80 26.15 10.05
N SER A 272 -22.39 27.21 10.60
CA SER A 272 -23.69 27.67 10.13
C SER A 272 -23.58 28.09 8.68
N GLY A 273 -24.23 27.33 7.79
CA GLY A 273 -24.09 27.55 6.37
C GLY A 273 -23.26 26.47 5.70
N ASP A 274 -22.19 26.05 6.36
CA ASP A 274 -21.38 24.93 5.89
C ASP A 274 -22.07 23.65 6.34
N ASN A 275 -22.83 23.04 5.42
CA ASN A 275 -23.69 21.91 5.75
C ASN A 275 -22.85 20.65 5.90
N GLY A 276 -22.18 20.55 7.05
CA GLY A 276 -21.48 19.34 7.42
C GLY A 276 -22.43 18.28 7.94
N ILE A 277 -21.95 17.45 8.85
CA ILE A 277 -22.77 16.43 9.50
C ILE A 277 -22.77 16.60 11.03
N MET A 278 -21.60 16.53 11.65
CA MET A 278 -21.52 16.63 13.11
C MET A 278 -21.54 18.11 13.48
N GLY A 279 -22.69 18.58 13.95
CA GLY A 279 -22.91 20.01 14.13
C GLY A 279 -23.20 20.48 15.54
N CYS A 280 -22.47 19.97 16.53
CA CYS A 280 -22.51 20.38 17.93
C CYS A 280 -23.81 20.02 18.64
N HIS A 281 -24.79 19.45 17.96
CA HIS A 281 -25.91 18.81 18.63
C HIS A 281 -25.75 17.29 18.71
N GLU A 282 -24.64 16.77 18.18
CA GLU A 282 -24.27 15.37 18.30
C GLU A 282 -23.25 15.14 19.41
N ILE A 283 -23.04 16.13 20.27
CA ILE A 283 -22.01 16.09 21.31
C ILE A 283 -22.28 14.91 22.23
N PRO A 284 -21.24 14.22 22.70
CA PRO A 284 -21.44 13.16 23.69
C PRO A 284 -21.88 13.74 25.02
N PRO A 285 -23.04 13.34 25.52
CA PRO A 285 -23.49 13.79 26.85
C PRO A 285 -22.58 13.20 27.93
N LEU A 286 -21.90 14.07 28.66
CA LEU A 286 -20.95 13.63 29.68
C LEU A 286 -21.67 12.83 30.76
N LYS A 287 -21.10 11.68 31.11
CA LYS A 287 -21.68 10.81 32.13
C LYS A 287 -20.60 9.94 32.77
N CYS A 316 -25.00 14.24 38.26
CA CYS A 316 -24.25 15.49 38.13
C CYS A 316 -24.91 16.42 37.13
N VAL A 317 -24.11 17.25 36.47
CA VAL A 317 -24.58 18.22 35.49
C VAL A 317 -23.89 17.95 34.17
N ASN A 318 -24.68 17.89 33.09
CA ASN A 318 -24.12 17.66 31.77
C ASN A 318 -23.41 18.93 31.28
N TRP A 319 -22.13 19.06 31.62
CA TRP A 319 -21.37 20.25 31.25
C TRP A 319 -21.23 20.41 29.74
N ASN A 320 -21.42 19.32 28.98
CA ASN A 320 -21.15 19.37 27.54
C ASN A 320 -22.17 20.22 26.80
N ARG A 321 -23.41 20.28 27.28
CA ARG A 321 -24.46 20.98 26.53
C ARG A 321 -24.18 22.47 26.41
N TYR A 322 -23.31 23.04 27.24
CA TYR A 322 -22.99 24.45 27.16
C TYR A 322 -22.07 24.78 25.99
N TYR A 323 -21.54 23.79 25.30
CA TYR A 323 -20.78 24.00 24.07
C TYR A 323 -21.77 24.15 22.92
N ASN A 324 -22.25 25.37 22.74
CA ASN A 324 -23.34 25.63 21.80
C ASN A 324 -22.84 26.02 20.42
N VAL A 325 -22.05 27.09 20.32
CA VAL A 325 -21.64 27.66 19.05
C VAL A 325 -20.20 27.29 18.79
N CYS A 326 -19.84 27.17 17.51
CA CYS A 326 -18.50 26.77 17.10
C CYS A 326 -17.96 27.75 16.07
N ARG A 327 -16.73 28.22 16.29
CA ARG A 327 -16.12 29.25 15.47
C ARG A 327 -14.73 28.82 15.03
N THR A 328 -14.33 29.26 13.83
CA THR A 328 -13.11 28.79 13.18
C THR A 328 -11.86 29.48 13.75
N GLY A 329 -11.66 29.31 15.05
CA GLY A 329 -10.39 29.73 15.61
C GLY A 329 -9.82 28.75 16.62
N SER A 330 -8.74 28.06 16.24
CA SER A 330 -8.03 27.16 17.12
C SER A 330 -6.77 26.64 16.45
N ALA A 331 -6.08 25.70 17.09
CA ALA A 331 -5.21 24.80 16.35
C ALA A 331 -6.06 23.70 15.75
N ASN A 332 -5.71 23.29 14.55
CA ASN A 332 -6.48 22.34 13.76
C ASN A 332 -5.84 20.96 13.82
N PRO A 333 -6.54 19.90 13.36
CA PRO A 333 -6.30 18.57 13.92
C PRO A 333 -4.88 18.07 13.78
N HIS A 334 -4.50 17.18 14.70
CA HIS A 334 -3.19 16.53 14.73
C HIS A 334 -2.06 17.53 14.97
N LYS A 335 -2.23 18.33 16.03
CA LYS A 335 -1.26 19.35 16.42
C LYS A 335 -0.92 20.27 15.25
N GLY A 336 -1.94 20.65 14.49
CA GLY A 336 -1.75 21.50 13.33
C GLY A 336 -0.92 20.83 12.25
N ALA A 337 -1.39 19.68 11.76
CA ALA A 337 -0.66 18.95 10.73
C ALA A 337 -1.58 18.53 9.60
N ILE A 338 -2.87 18.42 9.87
CA ILE A 338 -3.85 18.02 8.88
C ILE A 338 -4.81 19.19 8.70
N ASN A 339 -4.59 19.97 7.65
CA ASN A 339 -5.44 21.11 7.34
C ASN A 339 -5.23 21.45 5.88
N PHE A 340 -6.13 22.28 5.34
CA PHE A 340 -6.06 22.67 3.94
C PHE A 340 -5.84 24.17 3.79
N ASP A 341 -5.22 24.82 4.78
CA ASP A 341 -5.03 26.26 4.73
C ASP A 341 -4.19 26.65 3.52
N ASN A 342 -2.92 26.26 3.50
CA ASN A 342 -2.05 26.56 2.37
C ASN A 342 -2.28 25.51 1.29
N ILE A 343 -1.40 25.49 0.28
CA ILE A 343 -1.37 24.38 -0.66
C ILE A 343 -0.28 23.38 -0.30
N GLY A 344 0.72 23.78 0.48
CA GLY A 344 1.65 22.80 1.02
C GLY A 344 0.97 21.81 1.94
N TYR A 345 0.10 22.31 2.82
CA TYR A 345 -0.64 21.42 3.71
C TYR A 345 -1.62 20.55 2.94
N ALA A 346 -2.28 21.11 1.93
CA ALA A 346 -3.16 20.30 1.09
C ALA A 346 -2.36 19.22 0.38
N TRP A 347 -1.13 19.53 -0.03
CA TRP A 347 -0.28 18.53 -0.65
C TRP A 347 0.13 17.45 0.35
N ILE A 348 0.36 17.85 1.60
CA ILE A 348 0.67 16.85 2.63
C ILE A 348 -0.48 15.88 2.81
N VAL A 349 -1.70 16.42 2.90
CA VAL A 349 -2.87 15.56 3.07
C VAL A 349 -3.08 14.66 1.86
N ILE A 350 -2.94 15.23 0.66
CA ILE A 350 -3.10 14.42 -0.55
C ILE A 350 -2.04 13.34 -0.61
N PHE A 351 -0.82 13.63 -0.16
CA PHE A 351 0.19 12.59 -0.09
C PHE A 351 -0.20 11.51 0.91
N GLN A 352 -0.76 11.92 2.05
CA GLN A 352 -1.19 10.94 3.04
C GLN A 352 -2.25 10.01 2.50
N VAL A 353 -3.09 10.49 1.57
CA VAL A 353 -4.05 9.57 0.94
C VAL A 353 -3.52 8.92 -0.32
N ILE A 354 -2.37 9.36 -0.85
CA ILE A 354 -1.73 8.59 -1.91
C ILE A 354 -1.12 7.31 -1.34
N THR A 355 -0.55 7.40 -0.15
CA THR A 355 0.00 6.22 0.52
C THR A 355 -1.06 5.39 1.21
N LEU A 356 -2.33 5.79 1.13
CA LEU A 356 -3.46 5.01 1.64
C LEU A 356 -3.32 4.72 3.13
N GLU A 357 -2.82 5.70 3.87
CA GLU A 357 -2.68 5.59 5.31
C GLU A 357 -3.38 6.78 5.96
N GLY A 358 -4.18 6.52 6.98
CA GLY A 358 -4.96 7.58 7.60
C GLY A 358 -5.98 8.19 6.67
N TRP A 359 -6.42 7.43 5.66
CA TRP A 359 -7.41 7.92 4.71
C TRP A 359 -8.73 8.30 5.40
N VAL A 360 -9.29 7.37 6.18
CA VAL A 360 -10.62 7.57 6.73
C VAL A 360 -10.65 8.70 7.74
N GLU A 361 -9.58 8.84 8.53
CA GLU A 361 -9.60 9.85 9.60
C GLU A 361 -9.74 11.25 9.02
N ILE A 362 -8.91 11.59 8.04
CA ILE A 362 -9.00 12.92 7.43
C ILE A 362 -10.26 13.02 6.59
N MET A 363 -10.70 11.91 5.99
CA MET A 363 -11.97 11.93 5.26
C MET A 363 -13.11 12.38 6.15
N TYR A 364 -13.19 11.80 7.35
CA TYR A 364 -14.28 12.16 8.27
C TYR A 364 -14.05 13.51 8.91
N TYR A 365 -12.79 13.94 9.03
CA TYR A 365 -12.51 15.31 9.42
C TYR A 365 -13.20 16.27 8.45
N VAL A 366 -12.99 16.05 7.15
CA VAL A 366 -13.60 16.91 6.14
C VAL A 366 -15.12 16.79 6.18
N MET A 367 -15.65 15.57 6.28
CA MET A 367 -17.09 15.37 6.34
C MET A 367 -17.70 16.16 7.50
N ASP A 368 -17.06 16.10 8.67
CA ASP A 368 -17.50 16.91 9.79
C ASP A 368 -17.45 18.38 9.46
N ALA A 369 -16.38 18.81 8.77
CA ALA A 369 -16.14 20.24 8.59
C ALA A 369 -17.08 20.85 7.56
N HIS A 370 -17.09 20.31 6.35
CA HIS A 370 -17.69 21.00 5.22
C HIS A 370 -18.94 20.34 4.68
N SER A 371 -18.87 19.08 4.27
CA SER A 371 -20.01 18.45 3.60
C SER A 371 -19.82 16.94 3.57
N PHE A 372 -20.93 16.23 3.75
CA PHE A 372 -20.90 14.77 3.68
C PHE A 372 -20.47 14.27 2.30
N TYR A 373 -20.66 15.07 1.26
CA TYR A 373 -20.42 14.64 -0.11
C TYR A 373 -18.97 14.85 -0.56
N ASN A 374 -18.03 14.92 0.38
CA ASN A 374 -16.62 14.94 0.04
C ASN A 374 -16.06 13.54 -0.19
N PHE A 375 -16.87 12.50 0.03
CA PHE A 375 -16.42 11.16 -0.32
C PHE A 375 -16.14 11.03 -1.79
N ILE A 376 -16.83 11.81 -2.64
CA ILE A 376 -16.49 11.82 -4.05
C ILE A 376 -15.06 12.30 -4.24
N TYR A 377 -14.69 13.38 -3.56
CA TYR A 377 -13.33 13.90 -3.65
C TYR A 377 -12.32 12.86 -3.21
N PHE A 378 -12.53 12.27 -2.03
CA PHE A 378 -11.50 11.40 -1.47
C PHE A 378 -11.42 10.08 -2.24
N ILE A 379 -12.55 9.52 -2.67
CA ILE A 379 -12.52 8.27 -3.42
C ILE A 379 -11.93 8.49 -4.81
N LEU A 380 -12.26 9.61 -5.46
CA LEU A 380 -11.64 9.92 -6.73
C LEU A 380 -10.14 10.11 -6.59
N LEU A 381 -9.71 10.77 -5.51
CA LEU A 381 -8.28 10.92 -5.27
C LEU A 381 -7.62 9.57 -5.05
N ILE A 382 -8.25 8.69 -4.27
CA ILE A 382 -7.72 7.34 -4.08
C ILE A 382 -7.53 6.65 -5.42
N ILE A 383 -8.61 6.53 -6.18
CA ILE A 383 -8.57 5.79 -7.44
C ILE A 383 -7.55 6.39 -8.40
N VAL A 384 -7.50 7.72 -8.52
CA VAL A 384 -6.62 8.35 -9.50
C VAL A 384 -5.17 8.29 -9.03
N GLY A 385 -4.88 8.89 -7.88
CA GLY A 385 -3.51 8.89 -7.41
C GLY A 385 -3.04 7.56 -6.85
N SER A 386 -3.64 7.10 -5.76
CA SER A 386 -3.05 5.98 -5.04
C SER A 386 -3.03 4.69 -5.85
N PHE A 387 -3.76 4.61 -6.96
CA PHE A 387 -3.73 3.41 -7.79
C PHE A 387 -3.27 3.69 -9.21
N PHE A 388 -3.87 4.66 -9.90
CA PHE A 388 -3.48 5.00 -11.27
C PHE A 388 -2.24 5.88 -11.36
N MET A 389 -1.64 6.27 -10.24
CA MET A 389 -0.37 7.02 -10.27
C MET A 389 0.83 6.20 -9.84
N ILE A 390 0.81 5.65 -8.61
CA ILE A 390 1.98 4.93 -8.15
C ILE A 390 2.17 3.65 -8.94
N ASN A 391 1.09 3.08 -9.47
CA ASN A 391 1.25 1.92 -10.34
C ASN A 391 1.58 2.32 -11.76
N LEU A 392 1.18 3.51 -12.22
CA LEU A 392 1.80 4.02 -13.43
C LEU A 392 3.27 4.34 -13.21
N CYS A 393 3.65 4.75 -12.00
CA CYS A 393 5.07 4.88 -11.69
C CYS A 393 5.77 3.53 -11.81
N LEU A 394 5.14 2.48 -11.29
CA LEU A 394 5.69 1.12 -11.45
C LEU A 394 5.83 0.77 -12.93
N VAL A 395 4.78 1.00 -13.71
CA VAL A 395 4.80 0.65 -15.13
C VAL A 395 5.90 1.40 -15.85
N VAL A 396 6.02 2.70 -15.57
CA VAL A 396 6.99 3.53 -16.28
C VAL A 396 8.41 3.13 -15.91
N ILE A 397 8.68 2.90 -14.62
CA ILE A 397 10.02 2.49 -14.23
C ILE A 397 10.37 1.14 -14.83
N ALA A 398 9.42 0.19 -14.79
CA ALA A 398 9.69 -1.12 -15.36
C ALA A 398 10.01 -1.03 -16.84
N THR A 399 9.19 -0.27 -17.59
CA THR A 399 9.44 -0.13 -19.02
C THR A 399 10.77 0.54 -19.29
N GLN A 400 11.01 1.69 -18.65
CA GLN A 400 12.22 2.47 -18.93
C GLN A 400 13.45 1.67 -18.58
N PHE A 401 13.41 0.92 -17.48
CA PHE A 401 14.51 0.03 -17.16
C PHE A 401 14.63 -1.10 -18.18
N SER A 402 13.51 -1.51 -18.79
CA SER A 402 13.58 -2.51 -19.85
C SER A 402 14.44 -2.02 -21.01
N GLU A 403 14.01 -0.95 -21.69
CA GLU A 403 14.86 -0.55 -22.80
C GLU A 403 16.12 0.19 -22.39
N THR A 404 16.32 0.48 -21.11
CA THR A 404 17.62 1.00 -20.69
C THR A 404 18.61 -0.13 -20.47
N LYS A 405 18.15 -1.29 -19.96
CA LYS A 405 18.96 -2.50 -20.02
C LYS A 405 19.25 -2.89 -21.46
N GLN A 406 18.24 -2.81 -22.32
CA GLN A 406 18.44 -3.20 -23.71
C GLN A 406 19.38 -2.24 -24.43
N ARG A 407 19.30 -0.94 -24.12
CA ARG A 407 20.15 0.05 -24.77
C ARG A 407 21.63 -0.21 -24.46
N GLU A 408 21.95 -0.36 -23.17
CA GLU A 408 23.32 -0.69 -22.79
C GLU A 408 23.73 -2.05 -23.35
N HIS A 409 22.79 -3.00 -23.38
CA HIS A 409 23.08 -4.31 -23.94
C HIS A 409 23.34 -4.23 -25.44
N ARG A 410 22.71 -3.27 -26.13
CA ARG A 410 22.92 -3.13 -27.56
C ARG A 410 24.27 -2.49 -27.90
N LEU A 411 24.89 -1.78 -26.96
CA LEU A 411 26.24 -1.29 -27.19
C LEU A 411 27.22 -2.46 -27.36
N MET A 412 27.13 -3.47 -26.49
CA MET A 412 27.95 -4.65 -26.65
C MET A 412 27.55 -5.43 -27.91
N LEU A 413 26.26 -5.61 -28.13
CA LEU A 413 25.77 -6.32 -29.30
C LEU A 413 25.57 -5.37 -30.48
N ARG A 627 27.33 -58.51 5.16
CA ARG A 627 27.86 -57.47 4.29
C ARG A 627 27.23 -57.57 2.89
N GLU A 628 26.61 -58.71 2.61
CA GLU A 628 25.93 -58.88 1.34
C GLU A 628 24.62 -58.12 1.29
N THR A 629 24.02 -57.84 2.44
CA THR A 629 22.72 -57.17 2.50
C THR A 629 22.78 -55.70 2.14
N ARG A 630 23.99 -55.13 1.98
CA ARG A 630 24.10 -53.71 1.69
C ARG A 630 23.38 -53.33 0.40
N ALA A 631 23.63 -54.10 -0.67
CA ALA A 631 22.89 -53.88 -1.91
C ALA A 631 21.41 -54.20 -1.74
N LYS A 632 21.10 -55.27 -1.00
CA LYS A 632 19.71 -55.62 -0.76
C LYS A 632 19.01 -54.55 0.07
N LEU A 633 19.69 -54.00 1.06
CA LEU A 633 19.10 -52.95 1.89
C LEU A 633 18.82 -51.69 1.09
N ARG A 634 19.50 -51.50 -0.04
CA ARG A 634 19.20 -50.37 -0.91
C ARG A 634 17.84 -50.49 -1.55
N GLY A 635 17.39 -51.73 -1.82
CA GLY A 635 16.10 -51.92 -2.49
C GLY A 635 14.94 -51.36 -1.70
N ILE A 636 14.98 -51.49 -0.37
CA ILE A 636 13.91 -50.94 0.46
C ILE A 636 13.89 -49.43 0.37
N VAL A 637 15.06 -48.81 0.26
CA VAL A 637 15.15 -47.35 0.18
C VAL A 637 14.47 -46.84 -1.08
N ASP A 638 14.96 -47.26 -2.23
CA ASP A 638 14.44 -46.79 -3.52
C ASP A 638 13.22 -47.60 -3.95
N SER A 639 12.17 -47.55 -3.13
CA SER A 639 10.95 -48.30 -3.36
C SER A 639 9.79 -47.44 -3.83
N LYS A 640 9.90 -46.11 -3.71
CA LYS A 640 8.87 -45.13 -4.06
C LYS A 640 7.66 -45.19 -3.14
N TYR A 641 7.61 -46.15 -2.21
CA TYR A 641 6.60 -46.22 -1.17
C TYR A 641 7.18 -46.00 0.22
N PHE A 642 8.41 -46.44 0.46
CA PHE A 642 9.12 -46.08 1.68
C PHE A 642 9.39 -44.59 1.74
N ASN A 643 9.70 -43.99 0.58
CA ASN A 643 9.84 -42.55 0.49
C ASN A 643 8.56 -41.84 0.92
N ARG A 644 7.42 -42.32 0.43
CA ARG A 644 6.14 -41.74 0.82
C ARG A 644 5.84 -41.99 2.29
N GLY A 645 6.25 -43.13 2.84
CA GLY A 645 6.05 -43.38 4.25
C GLY A 645 6.82 -42.39 5.12
N ILE A 646 8.08 -42.12 4.75
CA ILE A 646 8.83 -41.14 5.53
C ILE A 646 8.29 -39.73 5.29
N MET A 647 7.72 -39.45 4.11
CA MET A 647 6.99 -38.19 3.94
C MET A 647 5.83 -38.09 4.90
N MET A 648 5.05 -39.17 5.05
CA MET A 648 3.92 -39.13 5.97
C MET A 648 4.40 -38.94 7.39
N ALA A 649 5.52 -39.56 7.75
CA ALA A 649 6.08 -39.38 9.08
C ALA A 649 6.46 -37.92 9.32
N ILE A 650 7.16 -37.31 8.37
CA ILE A 650 7.56 -35.91 8.53
C ILE A 650 6.34 -35.00 8.59
N LEU A 651 5.35 -35.26 7.74
CA LEU A 651 4.15 -34.43 7.71
C LEU A 651 3.40 -34.50 9.04
N VAL A 652 3.24 -35.71 9.59
CA VAL A 652 2.53 -35.81 10.87
C VAL A 652 3.39 -35.28 12.01
N ASN A 653 4.71 -35.27 11.86
CA ASN A 653 5.54 -34.56 12.85
C ASN A 653 5.30 -33.06 12.79
N THR A 654 5.16 -32.51 11.59
CA THR A 654 4.80 -31.10 11.46
C THR A 654 3.45 -30.82 12.10
N VAL A 655 2.47 -31.70 11.85
CA VAL A 655 1.16 -31.56 12.47
C VAL A 655 1.27 -31.61 13.98
N SER A 656 2.13 -32.50 14.49
CA SER A 656 2.35 -32.58 15.94
C SER A 656 2.91 -31.27 16.48
N MET A 657 3.88 -30.68 15.77
CA MET A 657 4.39 -29.38 16.21
C MET A 657 3.37 -28.27 16.10
N GLY A 658 2.36 -28.43 15.23
CA GLY A 658 1.34 -27.40 15.09
C GLY A 658 0.27 -27.42 16.15
N ILE A 659 0.05 -28.55 16.81
CA ILE A 659 -1.08 -28.69 17.74
C ILE A 659 -0.89 -27.82 18.97
N GLU A 660 0.34 -27.72 19.47
CA GLU A 660 0.60 -27.09 20.76
C GLU A 660 0.00 -25.69 20.84
N HIS A 661 -0.57 -25.38 21.99
CA HIS A 661 -1.27 -24.12 22.20
C HIS A 661 -1.06 -23.69 23.65
N HIS A 662 -1.72 -22.61 24.04
CA HIS A 662 -1.66 -22.16 25.43
C HIS A 662 -2.50 -23.10 26.31
N GLU A 663 -2.20 -23.06 27.60
CA GLU A 663 -2.87 -23.84 28.64
C GLU A 663 -3.19 -25.27 28.18
N GLN A 664 -2.13 -25.98 27.79
CA GLN A 664 -2.28 -27.34 27.30
C GLN A 664 -2.83 -28.23 28.41
N PRO A 665 -3.65 -29.23 28.07
CA PRO A 665 -3.98 -30.27 29.04
C PRO A 665 -2.71 -31.02 29.46
N GLU A 666 -2.68 -31.44 30.72
CA GLU A 666 -1.48 -32.09 31.24
C GLU A 666 -1.13 -33.35 30.45
N GLU A 667 -2.15 -34.10 30.03
CA GLU A 667 -1.89 -35.29 29.21
C GLU A 667 -1.37 -34.91 27.83
N LEU A 668 -1.81 -33.77 27.29
CA LEU A 668 -1.52 -33.47 25.89
C LEU A 668 -0.04 -33.22 25.66
N THR A 669 0.61 -32.46 26.53
CA THR A 669 2.04 -32.22 26.36
C THR A 669 2.84 -33.51 26.52
N ASN A 670 2.36 -34.43 27.35
CA ASN A 670 3.00 -35.74 27.46
C ASN A 670 2.88 -36.52 26.16
N ILE A 671 1.69 -36.52 25.55
CA ILE A 671 1.53 -37.18 24.26
C ILE A 671 2.45 -36.54 23.23
N LEU A 672 2.56 -35.21 23.26
CA LEU A 672 3.45 -34.51 22.33
C LEU A 672 4.90 -34.93 22.51
N GLU A 673 5.38 -35.00 23.75
CA GLU A 673 6.79 -35.34 23.96
C GLU A 673 7.06 -36.81 23.60
N ILE A 674 6.11 -37.70 23.91
CA ILE A 674 6.29 -39.10 23.51
C ILE A 674 6.31 -39.23 21.99
N CYS A 675 5.42 -38.51 21.30
CA CYS A 675 5.40 -38.58 19.85
C CYS A 675 6.65 -37.97 19.24
N ASN A 676 7.19 -36.92 19.88
CA ASN A 676 8.50 -36.39 19.51
C ASN A 676 9.57 -37.46 19.62
N VAL A 677 9.57 -38.20 20.73
CA VAL A 677 10.55 -39.26 20.92
C VAL A 677 10.43 -40.29 19.81
N VAL A 678 9.19 -40.65 19.45
CA VAL A 678 8.97 -41.61 18.39
C VAL A 678 9.55 -41.10 17.07
N PHE A 679 9.30 -39.84 16.74
CA PHE A 679 9.79 -39.29 15.48
C PHE A 679 11.31 -39.21 15.46
N THR A 680 11.91 -38.79 16.58
CA THR A 680 13.37 -38.77 16.66
C THR A 680 13.95 -40.16 16.50
N SER A 681 13.30 -41.16 17.10
CA SER A 681 13.77 -42.54 16.97
C SER A 681 13.69 -43.00 15.52
N MET A 682 12.60 -42.65 14.83
CA MET A 682 12.48 -43.03 13.42
C MET A 682 13.55 -42.34 12.57
N PHE A 683 13.80 -41.06 12.83
CA PHE A 683 14.81 -40.34 12.07
C PHE A 683 16.21 -40.91 12.33
N ALA A 684 16.49 -41.29 13.59
CA ALA A 684 17.77 -41.92 13.89
C ALA A 684 17.89 -43.30 13.26
N LEU A 685 16.78 -44.03 13.18
CA LEU A 685 16.77 -45.30 12.47
C LEU A 685 17.11 -45.10 11.01
N GLU A 686 16.54 -44.06 10.39
CA GLU A 686 16.90 -43.74 9.02
C GLU A 686 18.36 -43.33 8.90
N MET A 687 18.85 -42.55 9.86
CA MET A 687 20.27 -42.24 9.94
C MET A 687 21.12 -43.50 9.86
N ILE A 688 20.93 -44.42 10.80
CA ILE A 688 21.78 -45.60 10.86
C ILE A 688 21.56 -46.50 9.64
N LEU A 689 20.35 -46.50 9.08
CA LEU A 689 20.08 -47.34 7.93
C LEU A 689 20.80 -46.83 6.68
N LYS A 690 20.71 -45.53 6.41
CA LYS A 690 21.24 -45.00 5.15
C LYS A 690 22.76 -45.00 5.14
N LEU A 691 23.40 -44.78 6.29
CA LEU A 691 24.86 -44.81 6.32
C LEU A 691 25.39 -46.20 6.07
N ALA A 692 24.67 -47.23 6.51
CA ALA A 692 25.12 -48.60 6.30
C ALA A 692 24.88 -49.05 4.87
N ALA A 693 23.63 -48.95 4.39
CA ALA A 693 23.27 -49.46 3.07
C ALA A 693 23.93 -48.68 1.95
N PHE A 694 24.43 -47.48 2.21
CA PHE A 694 25.05 -46.66 1.18
C PHE A 694 26.55 -46.46 1.38
N GLY A 695 27.04 -46.54 2.61
CA GLY A 695 28.40 -46.19 2.91
C GLY A 695 28.54 -44.73 3.30
N LEU A 696 29.68 -44.42 3.93
CA LEU A 696 29.89 -43.06 4.44
C LEU A 696 29.93 -42.04 3.31
N PHE A 697 30.64 -42.35 2.22
CA PHE A 697 30.77 -41.39 1.14
C PHE A 697 29.44 -41.15 0.44
N ASP A 698 28.71 -42.21 0.13
CA ASP A 698 27.42 -42.06 -0.54
C ASP A 698 26.44 -41.31 0.35
N TYR A 699 26.45 -41.60 1.65
CA TYR A 699 25.61 -40.85 2.59
C TYR A 699 25.99 -39.38 2.61
N LEU A 700 27.28 -39.08 2.57
CA LEU A 700 27.76 -37.71 2.54
C LEU A 700 27.85 -37.14 1.13
N ARG A 701 27.60 -37.95 0.10
CA ARG A 701 27.61 -37.43 -1.27
C ARG A 701 26.51 -36.40 -1.48
N ASN A 702 25.31 -36.68 -0.98
CA ASN A 702 24.21 -35.75 -1.06
C ASN A 702 24.14 -34.96 0.24
N PRO A 703 24.19 -33.63 0.21
CA PRO A 703 24.13 -32.87 1.45
C PRO A 703 22.77 -32.83 2.10
N TYR A 704 21.72 -33.30 1.41
CA TYR A 704 20.42 -33.47 2.03
C TYR A 704 20.50 -34.48 3.18
N ASN A 705 21.24 -35.57 2.99
CA ASN A 705 21.46 -36.51 4.07
C ASN A 705 22.32 -35.90 5.18
N ILE A 706 23.24 -35.00 4.84
CA ILE A 706 23.99 -34.28 5.87
C ILE A 706 23.05 -33.44 6.72
N PHE A 707 22.12 -32.75 6.08
CA PHE A 707 21.12 -31.97 6.83
C PHE A 707 20.25 -32.88 7.68
N ASP A 708 19.90 -34.05 7.16
CA ASP A 708 19.15 -35.03 7.95
C ASP A 708 19.93 -35.45 9.18
N SER A 709 21.23 -35.69 9.02
CA SER A 709 22.07 -36.06 10.15
C SER A 709 22.14 -34.93 11.18
N ILE A 710 22.23 -33.69 10.70
CA ILE A 710 22.24 -32.55 11.61
C ILE A 710 20.94 -32.52 12.41
N ILE A 711 19.80 -32.73 11.75
CA ILE A 711 18.52 -32.73 12.43
C ILE A 711 18.48 -33.83 13.49
N VAL A 712 18.94 -35.03 13.13
CA VAL A 712 18.91 -36.15 14.07
C VAL A 712 19.80 -35.86 15.28
N ILE A 713 20.99 -35.31 15.04
CA ILE A 713 21.89 -35.00 16.14
C ILE A 713 21.28 -33.96 17.07
N ILE A 714 20.69 -32.91 16.49
CA ILE A 714 20.07 -31.87 17.33
C ILE A 714 18.93 -32.45 18.14
N SER A 715 18.10 -33.30 17.52
CA SER A 715 16.99 -33.91 18.25
C SER A 715 17.48 -34.79 19.39
N ILE A 716 18.51 -35.60 19.12
CA ILE A 716 19.05 -36.50 20.14
C ILE A 716 19.62 -35.70 21.31
N TRP A 717 20.36 -34.63 21.00
CA TRP A 717 20.90 -33.78 22.06
C TRP A 717 19.77 -33.13 22.85
N GLU A 718 18.69 -32.72 22.17
CA GLU A 718 17.55 -32.14 22.84
C GLU A 718 16.92 -33.13 23.83
N ILE A 719 16.78 -34.39 23.42
CA ILE A 719 16.26 -35.40 24.33
C ILE A 719 17.22 -35.62 25.49
N VAL A 720 18.52 -35.67 25.21
CA VAL A 720 19.50 -35.93 26.26
C VAL A 720 19.61 -34.74 27.22
N GLY A 721 19.65 -33.52 26.68
CA GLY A 721 19.88 -32.34 27.48
C GLY A 721 18.70 -31.91 28.32
N GLN A 722 18.38 -32.70 29.36
CA GLN A 722 17.23 -32.46 30.22
C GLN A 722 17.56 -31.63 31.46
N ALA A 723 18.62 -30.82 31.41
CA ALA A 723 18.97 -29.99 32.56
C ALA A 723 18.50 -28.56 32.41
N ASP A 724 18.98 -27.86 31.38
CA ASP A 724 18.64 -26.47 31.07
C ASP A 724 19.14 -26.15 29.67
N GLY A 725 18.65 -25.05 29.13
CA GLY A 725 19.12 -24.57 27.83
C GLY A 725 18.65 -25.33 26.61
N GLY A 726 18.73 -26.65 26.63
CA GLY A 726 18.27 -27.43 25.50
C GLY A 726 16.78 -27.28 25.25
N LEU A 727 16.00 -27.23 26.32
CA LEU A 727 14.54 -27.07 26.19
C LEU A 727 14.16 -25.68 25.70
N SER A 728 15.10 -24.74 25.65
CA SER A 728 14.80 -23.38 25.24
C SER A 728 15.15 -23.09 23.79
N VAL A 729 16.12 -23.81 23.21
CA VAL A 729 16.59 -23.51 21.86
C VAL A 729 16.39 -24.72 20.95
N LEU A 730 16.78 -25.90 21.42
CA LEU A 730 16.68 -27.09 20.59
C LEU A 730 15.23 -27.45 20.27
N ARG A 731 14.32 -27.27 21.24
CA ARG A 731 12.90 -27.45 20.92
C ARG A 731 12.44 -26.45 19.87
N THR A 732 12.94 -25.22 19.92
CA THR A 732 12.64 -24.26 18.88
C THR A 732 13.25 -24.67 17.54
N PHE A 733 14.31 -25.49 17.58
CA PHE A 733 14.95 -25.97 16.37
C PHE A 733 14.22 -27.15 15.73
N ARG A 734 13.18 -27.68 16.36
CA ARG A 734 12.44 -28.81 15.78
C ARG A 734 11.86 -28.46 14.43
N LEU A 735 11.65 -27.17 14.16
CA LEU A 735 11.07 -26.73 12.90
C LEU A 735 11.91 -27.11 11.69
N LEU A 736 13.19 -27.39 11.88
CA LEU A 736 14.05 -27.77 10.76
C LEU A 736 13.54 -29.03 10.07
N ARG A 737 12.87 -29.92 10.81
CA ARG A 737 12.32 -31.12 10.22
C ARG A 737 11.24 -30.82 9.18
N VAL A 738 10.61 -29.65 9.25
CA VAL A 738 9.66 -29.24 8.22
C VAL A 738 10.37 -29.04 6.89
N LEU A 739 11.61 -28.54 6.94
CA LEU A 739 12.36 -28.26 5.72
C LEU A 739 12.84 -29.51 5.01
N LYS A 740 12.66 -30.69 5.59
CA LYS A 740 13.04 -31.92 4.89
C LYS A 740 12.19 -32.17 3.66
N LEU A 741 11.05 -31.48 3.52
CA LEU A 741 10.19 -31.69 2.36
C LEU A 741 10.87 -31.26 1.06
N VAL A 742 11.85 -30.35 1.14
CA VAL A 742 12.53 -29.91 -0.08
C VAL A 742 13.27 -31.08 -0.71
N ARG A 743 13.69 -32.05 0.10
CA ARG A 743 14.33 -33.25 -0.43
C ARG A 743 13.37 -34.09 -1.26
N PHE A 744 12.06 -33.84 -1.16
CA PHE A 744 11.11 -34.76 -1.74
C PHE A 744 10.25 -34.15 -2.83
N MET A 745 9.70 -32.96 -2.60
CA MET A 745 8.82 -32.34 -3.58
C MET A 745 9.63 -31.90 -4.80
N PRO A 746 9.30 -32.35 -6.01
CA PRO A 746 10.14 -32.03 -7.17
C PRO A 746 9.92 -30.62 -7.70
N ALA A 747 8.70 -30.09 -7.56
CA ALA A 747 8.43 -28.75 -8.07
C ALA A 747 9.02 -27.66 -7.19
N LEU A 748 9.09 -27.89 -5.88
CA LEU A 748 9.67 -26.93 -4.96
C LEU A 748 11.19 -27.00 -4.90
N ARG A 749 11.82 -27.88 -5.69
CA ARG A 749 13.24 -27.71 -5.97
C ARG A 749 13.43 -26.69 -7.09
N ARG A 750 12.73 -26.89 -8.21
CA ARG A 750 12.89 -26.01 -9.36
C ARG A 750 12.45 -24.60 -9.03
N GLN A 751 11.32 -24.44 -8.32
CA GLN A 751 10.85 -23.11 -7.99
C GLN A 751 11.83 -22.40 -7.05
N LEU A 752 12.35 -23.12 -6.05
CA LEU A 752 13.31 -22.51 -5.14
C LEU A 752 14.60 -22.14 -5.86
N VAL A 753 15.04 -22.98 -6.80
CA VAL A 753 16.25 -22.67 -7.55
C VAL A 753 16.03 -21.45 -8.44
N VAL A 754 14.84 -21.31 -9.02
CA VAL A 754 14.53 -20.11 -9.81
C VAL A 754 14.53 -18.88 -8.92
N LEU A 755 13.97 -18.99 -7.71
CA LEU A 755 13.97 -17.86 -6.79
C LEU A 755 15.39 -17.47 -6.40
N MET A 756 16.26 -18.46 -6.18
CA MET A 756 17.67 -18.15 -5.91
C MET A 756 18.34 -17.52 -7.12
N LYS A 757 17.97 -17.94 -8.33
CA LYS A 757 18.48 -17.29 -9.54
C LYS A 757 18.07 -15.83 -9.58
N THR A 758 16.84 -15.52 -9.15
CA THR A 758 16.44 -14.12 -9.02
C THR A 758 17.29 -13.40 -7.97
N MET A 759 17.44 -14.01 -6.80
CA MET A 759 18.21 -13.38 -5.72
C MET A 759 19.67 -13.18 -6.09
N ASP A 760 20.15 -13.90 -7.12
CA ASP A 760 21.45 -13.58 -7.68
C ASP A 760 21.50 -12.16 -8.23
N ASN A 761 20.36 -11.58 -8.57
CA ASN A 761 20.27 -10.18 -9.00
C ASN A 761 19.75 -9.26 -7.91
N VAL A 762 18.96 -9.78 -6.97
CA VAL A 762 18.38 -8.95 -5.92
C VAL A 762 19.46 -8.44 -4.98
N ALA A 763 20.48 -9.26 -4.71
CA ALA A 763 21.38 -9.02 -3.58
C ALA A 763 22.00 -7.63 -3.62
N THR A 764 22.52 -7.22 -4.78
CA THR A 764 23.10 -5.89 -4.89
C THR A 764 22.05 -4.81 -4.64
N PHE A 765 20.83 -5.03 -5.12
CA PHE A 765 19.76 -4.08 -4.85
C PHE A 765 19.37 -4.10 -3.38
N CYS A 766 19.49 -5.25 -2.71
CA CYS A 766 19.27 -5.27 -1.26
C CYS A 766 20.31 -4.44 -0.54
N MET A 767 21.58 -4.53 -0.94
CA MET A 767 22.59 -3.67 -0.35
C MET A 767 22.27 -2.20 -0.60
N LEU A 768 21.76 -1.89 -1.79
CA LEU A 768 21.36 -0.51 -2.08
C LEU A 768 20.23 -0.06 -1.16
N LEU A 769 19.23 -0.92 -0.96
CA LEU A 769 18.14 -0.60 -0.04
C LEU A 769 18.64 -0.42 1.39
N MET A 770 19.55 -1.26 1.83
CA MET A 770 20.10 -1.11 3.18
C MET A 770 20.87 0.19 3.32
N LEU A 771 21.62 0.56 2.28
CA LEU A 771 22.32 1.85 2.28
C LEU A 771 21.33 3.00 2.38
N PHE A 772 20.25 2.93 1.60
CA PHE A 772 19.23 3.98 1.61
C PHE A 772 18.57 4.11 2.98
N ILE A 773 18.17 2.98 3.56
CA ILE A 773 17.51 3.01 4.86
C ILE A 773 18.48 3.48 5.94
N PHE A 774 19.75 3.10 5.84
CA PHE A 774 20.73 3.61 6.79
C PHE A 774 20.88 5.12 6.69
N ILE A 775 20.97 5.63 5.46
CA ILE A 775 21.11 7.07 5.27
C ILE A 775 19.92 7.80 5.89
N PHE A 776 18.71 7.32 5.59
CA PHE A 776 17.54 8.05 6.10
C PHE A 776 17.35 7.85 7.59
N SER A 777 17.78 6.72 8.16
CA SER A 777 17.73 6.57 9.60
C SER A 777 18.70 7.52 10.28
N ILE A 778 19.88 7.72 9.70
CA ILE A 778 20.82 8.68 10.26
C ILE A 778 20.27 10.10 10.14
N LEU A 779 19.66 10.42 8.99
CA LEU A 779 19.05 11.74 8.83
C LEU A 779 17.96 11.95 9.86
N GLY A 780 17.12 10.94 10.09
CA GLY A 780 16.09 11.05 11.10
C GLY A 780 16.65 11.24 12.49
N MET A 781 17.68 10.47 12.86
CA MET A 781 18.33 10.68 14.14
C MET A 781 18.83 12.11 14.28
N HIS A 782 19.39 12.65 13.20
CA HIS A 782 19.93 14.01 13.25
C HIS A 782 18.82 15.03 13.47
N ILE A 783 17.75 14.96 12.69
CA ILE A 783 16.75 16.02 12.75
C ILE A 783 15.63 15.74 13.76
N PHE A 784 15.32 14.47 14.04
CA PHE A 784 14.23 14.12 14.93
C PHE A 784 14.71 13.60 16.28
N GLY A 785 16.01 13.61 16.54
CA GLY A 785 16.53 13.10 17.79
C GLY A 785 16.01 13.84 19.01
N CYS A 786 15.43 13.11 19.95
CA CYS A 786 14.91 13.62 21.22
C CYS A 786 13.79 14.64 21.03
N LYS A 787 13.30 14.81 19.81
CA LYS A 787 12.20 15.74 19.54
C LYS A 787 10.86 15.04 19.43
N PHE A 788 10.83 13.71 19.52
CA PHE A 788 9.60 12.94 19.49
C PHE A 788 9.09 12.61 20.87
N SER A 789 9.70 13.17 21.93
CA SER A 789 9.39 12.77 23.29
C SER A 789 7.93 13.04 23.64
N LEU A 790 7.15 11.97 23.79
CA LEU A 790 5.78 12.10 24.24
C LEU A 790 5.76 12.61 25.67
N ARG A 791 4.84 13.53 25.96
CA ARG A 791 4.88 14.26 27.21
C ARG A 791 4.40 13.38 28.37
N THR A 792 4.39 13.95 29.58
CA THR A 792 4.16 13.17 30.78
C THR A 792 2.70 12.76 30.90
N ASP A 793 2.49 11.52 31.35
CA ASP A 793 1.16 11.03 31.70
C ASP A 793 1.15 10.26 33.01
N THR A 794 2.30 9.86 33.55
CA THR A 794 2.39 9.15 34.81
C THR A 794 3.57 9.64 35.64
N GLY A 795 3.98 10.89 35.44
CA GLY A 795 5.11 11.47 36.15
C GLY A 795 6.39 11.56 35.36
N ASP A 796 6.38 11.18 34.09
CA ASP A 796 7.58 11.28 33.26
C ASP A 796 7.15 11.33 31.80
N THR A 797 7.90 12.08 30.99
CA THR A 797 7.64 12.20 29.56
C THR A 797 8.27 10.99 28.86
N VAL A 798 7.52 9.90 28.82
CA VAL A 798 8.01 8.67 28.20
C VAL A 798 8.19 8.89 26.71
N PRO A 799 9.31 8.45 26.12
CA PRO A 799 9.49 8.62 24.67
C PRO A 799 8.48 7.80 23.90
N ASP A 800 8.12 8.30 22.73
CA ASP A 800 7.25 7.54 21.83
C ASP A 800 7.97 6.28 21.36
N ARG A 801 7.20 5.23 21.11
CA ARG A 801 7.80 3.98 20.64
C ARG A 801 8.38 4.14 19.25
N LYS A 802 7.75 4.97 18.42
CA LYS A 802 8.27 5.28 17.07
C LYS A 802 9.17 6.51 17.09
N ASN A 803 10.14 6.52 18.01
CA ASN A 803 11.03 7.66 18.13
C ASN A 803 12.17 7.54 17.13
N PHE A 804 13.17 8.41 17.27
CA PHE A 804 14.38 8.35 16.46
C PHE A 804 15.62 8.46 17.34
N ASP A 805 15.52 8.08 18.61
CA ASP A 805 16.56 8.33 19.59
C ASP A 805 17.75 7.40 19.49
N SER A 806 17.64 6.31 18.71
CA SER A 806 18.73 5.36 18.61
C SER A 806 18.61 4.64 17.27
N LEU A 807 19.77 4.34 16.67
CA LEU A 807 19.79 3.79 15.32
C LEU A 807 18.98 2.51 15.21
N LEU A 808 18.91 1.71 16.27
CA LEU A 808 18.00 0.58 16.25
C LEU A 808 16.57 1.06 16.04
N TRP A 809 16.12 2.01 16.85
CA TRP A 809 14.78 2.53 16.71
C TRP A 809 14.65 3.38 15.47
N ALA A 810 15.72 4.08 15.08
CA ALA A 810 15.70 4.85 13.84
C ALA A 810 15.47 3.94 12.64
N ILE A 811 16.20 2.82 12.57
CA ILE A 811 16.04 1.93 11.42
C ILE A 811 14.69 1.24 11.45
N VAL A 812 14.23 0.84 12.64
CA VAL A 812 12.91 0.19 12.66
C VAL A 812 11.83 1.19 12.25
N THR A 813 11.98 2.46 12.64
CA THR A 813 10.97 3.45 12.27
C THR A 813 11.03 3.79 10.79
N VAL A 814 12.24 3.85 10.21
CA VAL A 814 12.36 4.14 8.78
C VAL A 814 11.85 2.96 7.95
N PHE A 815 12.15 1.74 8.38
CA PHE A 815 11.59 0.57 7.72
C PHE A 815 10.07 0.57 7.82
N GLN A 816 9.53 0.93 8.98
CA GLN A 816 8.09 1.04 9.13
C GLN A 816 7.50 2.06 8.17
N ILE A 817 8.14 3.22 8.06
CA ILE A 817 7.66 4.26 7.16
C ILE A 817 7.66 3.75 5.73
N LEU A 818 8.71 3.02 5.35
CA LEU A 818 8.77 2.47 4.00
C LEU A 818 7.62 1.51 3.73
N THR A 819 7.19 0.76 4.75
CA THR A 819 6.06 -0.16 4.61
C THR A 819 4.70 0.53 4.71
N GLN A 820 4.68 1.82 5.05
CA GLN A 820 3.45 2.62 5.17
C GLN A 820 2.50 2.02 6.22
N GLU A 821 2.96 2.00 7.47
CA GLU A 821 2.09 1.67 8.60
C GLU A 821 2.36 2.65 9.71
N ASP A 822 1.34 3.43 10.08
CA ASP A 822 1.48 4.50 11.08
C ASP A 822 2.62 5.45 10.73
N TRP A 823 2.94 5.55 9.44
CA TRP A 823 3.87 6.59 9.00
C TRP A 823 3.27 7.97 9.13
N ASN A 824 1.95 8.07 9.16
CA ASN A 824 1.31 9.37 9.37
C ASN A 824 1.49 9.86 10.80
N VAL A 825 1.55 8.94 11.78
CA VAL A 825 1.75 9.37 13.16
C VAL A 825 3.12 9.99 13.32
N VAL A 826 4.16 9.36 12.76
CA VAL A 826 5.49 9.96 12.84
C VAL A 826 5.55 11.20 11.97
N LEU A 827 4.77 11.24 10.87
CA LEU A 827 4.69 12.47 10.09
C LEU A 827 4.18 13.63 10.94
N TYR A 828 3.11 13.39 11.70
CA TYR A 828 2.54 14.44 12.52
C TYR A 828 3.48 14.83 13.65
N ASN A 829 4.13 13.84 14.26
CA ASN A 829 4.96 14.15 15.41
C ASN A 829 6.34 14.66 15.01
N GLY A 830 6.67 14.63 13.73
CA GLY A 830 7.85 15.31 13.25
C GLY A 830 7.52 16.63 12.60
N MET A 831 6.26 16.83 12.22
CA MET A 831 5.81 18.11 11.71
C MET A 831 5.39 19.08 12.80
N ALA A 832 5.00 18.57 13.96
CA ALA A 832 4.63 19.41 15.09
C ALA A 832 5.76 19.59 16.09
N SER A 833 6.93 19.01 15.82
CA SER A 833 8.07 19.13 16.71
C SER A 833 9.13 20.06 16.15
N THR A 834 9.67 19.76 14.96
CA THR A 834 10.66 20.64 14.36
C THR A 834 10.00 21.80 13.61
N SER A 835 9.25 21.47 12.56
CA SER A 835 8.61 22.46 11.70
C SER A 835 7.74 21.76 10.67
N PRO A 836 6.75 22.45 10.10
CA PRO A 836 5.93 21.82 9.04
C PRO A 836 6.73 21.40 7.83
N TRP A 837 7.92 21.96 7.62
CA TRP A 837 8.76 21.55 6.50
C TRP A 837 9.44 20.21 6.73
N ALA A 838 9.25 19.58 7.89
CA ALA A 838 9.80 18.26 8.15
C ALA A 838 9.08 17.18 7.37
N SER A 839 7.96 17.49 6.72
CA SER A 839 7.27 16.51 5.90
C SER A 839 8.03 16.19 4.64
N LEU A 840 8.98 17.04 4.23
CA LEU A 840 9.79 16.73 3.06
C LEU A 840 10.68 15.52 3.32
N TYR A 841 11.13 15.33 4.56
CA TYR A 841 11.85 14.12 4.92
C TYR A 841 11.06 12.88 4.56
N PHE A 842 9.81 12.81 5.02
CA PHE A 842 8.99 11.64 4.76
C PHE A 842 8.57 11.55 3.30
N VAL A 843 8.34 12.69 2.64
CA VAL A 843 7.98 12.64 1.22
C VAL A 843 9.12 12.04 0.41
N ALA A 844 10.34 12.54 0.62
CA ALA A 844 11.48 11.99 -0.10
C ALA A 844 11.72 10.54 0.26
N LEU A 845 11.66 10.20 1.55
CA LEU A 845 11.90 8.82 1.98
C LEU A 845 10.91 7.87 1.30
N MET A 846 9.62 8.16 1.44
CA MET A 846 8.61 7.28 0.88
C MET A 846 8.70 7.23 -0.64
N THR A 847 8.93 8.37 -1.28
CA THR A 847 8.95 8.39 -2.74
C THR A 847 10.11 7.56 -3.29
N PHE A 848 11.34 7.85 -2.84
CA PHE A 848 12.48 7.09 -3.35
C PHE A 848 12.39 5.62 -2.97
N GLY A 849 12.00 5.32 -1.73
CA GLY A 849 11.87 3.93 -1.35
C GLY A 849 10.82 3.18 -2.13
N ASN A 850 9.55 3.53 -1.95
CA ASN A 850 8.46 2.77 -2.56
C ASN A 850 8.34 3.04 -4.05
N TYR A 851 8.13 4.30 -4.43
CA TYR A 851 7.71 4.62 -5.78
C TYR A 851 8.87 4.74 -6.77
N VAL A 852 10.11 4.54 -6.33
CA VAL A 852 11.22 4.50 -7.27
C VAL A 852 12.02 3.21 -7.09
N LEU A 853 12.52 2.96 -5.87
CA LEU A 853 13.42 1.84 -5.66
C LEU A 853 12.71 0.49 -5.80
N PHE A 854 11.56 0.33 -5.15
N PHE A 854 11.56 0.33 -5.14
CA PHE A 854 10.86 -0.95 -5.21
CA PHE A 854 10.85 -0.94 -5.20
C PHE A 854 10.38 -1.24 -6.63
C PHE A 854 10.38 -1.24 -6.62
N ASN A 855 9.95 -0.21 -7.35
CA ASN A 855 9.63 -0.40 -8.76
C ASN A 855 10.88 -0.75 -9.56
N LEU A 856 12.05 -0.23 -9.14
CA LEU A 856 13.30 -0.62 -9.76
C LEU A 856 13.58 -2.10 -9.57
N LEU A 857 13.34 -2.62 -8.36
CA LEU A 857 13.54 -4.03 -8.10
C LEU A 857 12.56 -4.88 -8.89
N VAL A 858 11.31 -4.44 -8.99
CA VAL A 858 10.34 -5.16 -9.80
C VAL A 858 10.81 -5.22 -11.25
N ALA A 859 11.32 -4.10 -11.77
CA ALA A 859 11.85 -4.10 -13.13
C ALA A 859 13.04 -5.04 -13.26
N ILE A 860 13.91 -5.05 -12.25
CA ILE A 860 15.08 -5.93 -12.26
C ILE A 860 14.64 -7.38 -12.43
N LEU A 861 13.67 -7.81 -11.62
CA LEU A 861 13.23 -9.20 -11.70
C LEU A 861 12.50 -9.49 -13.01
N VAL A 862 11.64 -8.57 -13.44
CA VAL A 862 10.85 -8.79 -14.66
C VAL A 862 11.77 -8.98 -15.86
N GLU A 863 12.79 -8.12 -15.99
CA GLU A 863 13.71 -8.28 -17.11
C GLU A 863 14.76 -9.35 -16.86
N GLY A 864 14.93 -9.79 -15.61
CA GLY A 864 15.74 -10.97 -15.37
C GLY A 864 15.10 -12.22 -15.94
N PHE A 865 13.78 -12.37 -15.72
CA PHE A 865 13.07 -13.48 -16.35
C PHE A 865 13.02 -13.33 -17.86
N GLN A 866 12.62 -12.15 -18.34
CA GLN A 866 12.46 -11.94 -19.78
C GLN A 866 13.82 -11.82 -20.46
N GLN A 1164 -34.16 -30.84 -26.97
CA GLN A 1164 -35.41 -31.51 -27.33
C GLN A 1164 -36.45 -30.50 -27.80
N THR A 1165 -36.98 -29.72 -26.86
CA THR A 1165 -37.98 -28.71 -27.19
C THR A 1165 -37.33 -27.58 -27.98
N ILE A 1166 -38.18 -26.75 -28.62
CA ILE A 1166 -37.69 -25.64 -29.41
C ILE A 1166 -36.87 -24.69 -28.55
N ILE A 1167 -35.72 -24.27 -29.08
CA ILE A 1167 -34.75 -23.45 -28.36
C ILE A 1167 -34.47 -22.19 -29.15
N ALA A 1168 -34.61 -21.04 -28.50
CA ALA A 1168 -34.29 -19.74 -29.08
C ALA A 1168 -33.29 -19.03 -28.17
N HIS A 1169 -32.22 -18.51 -28.74
CA HIS A 1169 -31.12 -17.92 -27.97
C HIS A 1169 -30.63 -16.63 -28.61
N LYS A 1170 -31.57 -15.76 -29.00
CA LYS A 1170 -31.18 -14.52 -29.67
C LYS A 1170 -30.60 -13.51 -28.67
N LEU A 1171 -31.42 -13.09 -27.70
CA LEU A 1171 -30.98 -12.15 -26.66
C LEU A 1171 -31.24 -12.72 -25.26
N PHE A 1172 -31.29 -14.05 -25.13
CA PHE A 1172 -31.60 -14.67 -23.86
C PHE A 1172 -30.53 -14.35 -22.81
N ASP A 1173 -29.26 -14.42 -23.20
CA ASP A 1173 -28.19 -14.11 -22.25
C ASP A 1173 -28.28 -12.67 -21.77
N TYR A 1174 -28.56 -11.73 -22.68
CA TYR A 1174 -28.65 -10.34 -22.29
C TYR A 1174 -29.84 -10.09 -21.36
N VAL A 1175 -30.99 -10.71 -21.66
CA VAL A 1175 -32.17 -10.46 -20.83
C VAL A 1175 -32.01 -11.11 -19.44
N VAL A 1176 -31.42 -12.31 -19.38
CA VAL A 1176 -31.19 -12.91 -18.08
C VAL A 1176 -30.12 -12.13 -17.32
N LEU A 1177 -29.17 -11.49 -18.03
CA LEU A 1177 -28.24 -10.60 -17.37
C LEU A 1177 -28.97 -9.42 -16.74
N ALA A 1178 -29.95 -8.87 -17.45
CA ALA A 1178 -30.78 -7.81 -16.86
C ALA A 1178 -31.51 -8.30 -15.62
N PHE A 1179 -32.07 -9.51 -15.69
CA PHE A 1179 -32.74 -10.07 -14.52
C PHE A 1179 -31.78 -10.24 -13.35
N ILE A 1180 -30.56 -10.69 -13.64
CA ILE A 1180 -29.56 -10.85 -12.58
C ILE A 1180 -29.19 -9.49 -11.99
N PHE A 1181 -29.13 -8.45 -12.81
CA PHE A 1181 -28.86 -7.11 -12.28
C PHE A 1181 -29.99 -6.64 -11.36
N LEU A 1182 -31.24 -6.91 -11.73
CA LEU A 1182 -32.34 -6.58 -10.82
C LEU A 1182 -32.24 -7.39 -9.53
N ASN A 1183 -31.85 -8.66 -9.63
CA ASN A 1183 -31.60 -9.46 -8.44
C ASN A 1183 -30.51 -8.85 -7.59
N CYS A 1184 -29.48 -8.29 -8.23
CA CYS A 1184 -28.45 -7.58 -7.50
C CYS A 1184 -29.03 -6.38 -6.77
N ILE A 1185 -29.89 -5.62 -7.46
CA ILE A 1185 -30.52 -4.44 -6.85
C ILE A 1185 -31.28 -4.84 -5.60
N THR A 1186 -32.01 -5.96 -5.65
CA THR A 1186 -32.74 -6.37 -4.45
C THR A 1186 -31.87 -7.08 -3.43
N ILE A 1187 -30.69 -7.57 -3.82
CA ILE A 1187 -29.75 -8.12 -2.84
C ILE A 1187 -29.08 -6.99 -2.04
N ALA A 1188 -28.87 -5.83 -2.66
CA ALA A 1188 -28.22 -4.74 -1.95
C ALA A 1188 -29.11 -4.11 -0.88
N LEU A 1189 -30.23 -4.73 -0.54
CA LEU A 1189 -31.21 -4.13 0.36
C LEU A 1189 -31.41 -4.89 1.67
N GLU A 1190 -30.93 -6.14 1.77
CA GLU A 1190 -31.22 -6.96 2.95
C GLU A 1190 -30.38 -6.53 4.15
N ARG A 1191 -30.59 -5.28 4.56
CA ARG A 1191 -29.95 -4.77 5.76
C ARG A 1191 -30.57 -5.41 6.99
N PRO A 1192 -29.78 -5.62 8.04
CA PRO A 1192 -30.32 -6.08 9.33
C PRO A 1192 -30.97 -4.97 10.14
N GLN A 1193 -31.78 -4.16 9.49
CA GLN A 1193 -32.51 -3.08 10.13
C GLN A 1193 -33.99 -3.06 9.80
N ILE A 1194 -34.45 -3.90 8.87
CA ILE A 1194 -35.86 -3.93 8.52
C ILE A 1194 -36.65 -4.58 9.66
N GLU A 1195 -37.71 -3.90 10.09
CA GLU A 1195 -38.57 -4.45 11.12
C GLU A 1195 -39.31 -5.67 10.57
N ALA A 1196 -39.54 -6.64 11.45
CA ALA A 1196 -40.16 -7.89 11.06
C ALA A 1196 -41.56 -7.66 10.50
N GLY A 1197 -41.80 -8.16 9.29
CA GLY A 1197 -43.09 -8.00 8.64
C GLY A 1197 -43.34 -6.66 8.00
N SER A 1198 -42.30 -5.85 7.79
CA SER A 1198 -42.47 -4.53 7.21
C SER A 1198 -42.81 -4.63 5.73
N THR A 1199 -43.04 -3.47 5.11
CA THR A 1199 -43.42 -3.42 3.70
C THR A 1199 -42.31 -3.97 2.81
N GLU A 1200 -41.08 -3.49 3.01
CA GLU A 1200 -39.96 -3.93 2.18
C GLU A 1200 -39.63 -5.40 2.42
N ARG A 1201 -39.77 -5.87 3.66
CA ARG A 1201 -39.54 -7.27 3.97
C ARG A 1201 -40.39 -8.18 3.09
N ILE A 1202 -41.68 -7.87 2.97
CA ILE A 1202 -42.55 -8.63 2.08
C ILE A 1202 -42.09 -8.50 0.63
N PHE A 1203 -41.69 -7.29 0.23
CA PHE A 1203 -41.16 -7.09 -1.12
C PHE A 1203 -39.91 -7.92 -1.34
N LEU A 1204 -39.01 -7.95 -0.35
CA LEU A 1204 -37.80 -8.76 -0.50
C LEU A 1204 -38.13 -10.23 -0.64
N THR A 1205 -39.07 -10.73 0.17
CA THR A 1205 -39.46 -12.14 0.09
C THR A 1205 -40.03 -12.47 -1.29
N VAL A 1206 -41.00 -11.67 -1.75
CA VAL A 1206 -41.65 -11.97 -3.02
C VAL A 1206 -40.68 -11.81 -4.18
N SER A 1207 -39.73 -10.87 -4.06
CA SER A 1207 -38.71 -10.73 -5.09
C SER A 1207 -37.80 -11.95 -5.11
N ASN A 1208 -37.45 -12.48 -3.94
CA ASN A 1208 -36.68 -13.71 -3.91
C ASN A 1208 -37.43 -14.85 -4.58
N TYR A 1209 -38.74 -14.96 -4.31
CA TYR A 1209 -39.53 -16.02 -4.94
C TYR A 1209 -39.55 -15.87 -6.45
N ILE A 1210 -39.81 -14.66 -6.95
CA ILE A 1210 -39.94 -14.48 -8.40
C ILE A 1210 -38.59 -14.67 -9.09
N PHE A 1211 -37.50 -14.22 -8.45
CA PHE A 1211 -36.18 -14.40 -9.05
C PHE A 1211 -35.79 -15.88 -9.06
N THR A 1212 -36.11 -16.61 -8.00
CA THR A 1212 -35.89 -18.05 -8.00
C THR A 1212 -36.72 -18.72 -9.08
N ALA A 1213 -37.94 -18.24 -9.32
CA ALA A 1213 -38.76 -18.78 -10.40
C ALA A 1213 -38.11 -18.54 -11.76
N ILE A 1214 -37.59 -17.34 -11.98
CA ILE A 1214 -36.92 -17.05 -13.24
C ILE A 1214 -35.69 -17.94 -13.41
N PHE A 1215 -34.93 -18.14 -12.33
CA PHE A 1215 -33.72 -18.93 -12.44
C PHE A 1215 -34.01 -20.41 -12.65
N VAL A 1216 -35.06 -20.94 -12.01
CA VAL A 1216 -35.43 -22.32 -12.29
C VAL A 1216 -35.99 -22.45 -13.70
N GLY A 1217 -36.65 -21.41 -14.21
CA GLY A 1217 -37.09 -21.45 -15.59
C GLY A 1217 -35.94 -21.53 -16.57
N GLU A 1218 -34.92 -20.70 -16.37
CA GLU A 1218 -33.76 -20.77 -17.26
C GLU A 1218 -32.99 -22.07 -17.05
N MET A 1219 -32.98 -22.59 -15.82
CA MET A 1219 -32.46 -23.93 -15.56
C MET A 1219 -33.15 -24.97 -16.43
N THR A 1220 -34.48 -24.99 -16.40
CA THR A 1220 -35.23 -25.98 -17.18
C THR A 1220 -34.98 -25.79 -18.67
N LEU A 1221 -34.97 -24.55 -19.14
CA LEU A 1221 -34.71 -24.29 -20.55
C LEU A 1221 -33.34 -24.84 -20.96
N LYS A 1222 -32.31 -24.54 -20.17
CA LYS A 1222 -30.97 -24.99 -20.51
C LYS A 1222 -30.87 -26.50 -20.48
N VAL A 1223 -31.46 -27.15 -19.47
CA VAL A 1223 -31.30 -28.61 -19.37
C VAL A 1223 -32.07 -29.32 -20.46
N VAL A 1224 -33.29 -28.86 -20.78
CA VAL A 1224 -33.99 -29.49 -21.89
C VAL A 1224 -33.29 -29.21 -23.20
N SER A 1225 -32.58 -28.07 -23.30
CA SER A 1225 -31.77 -27.82 -24.48
C SER A 1225 -30.54 -28.73 -24.51
N LEU A 1226 -29.99 -29.06 -23.35
CA LEU A 1226 -28.73 -29.79 -23.28
C LEU A 1226 -28.87 -31.14 -22.61
N GLY A 1227 -29.43 -31.20 -21.41
CA GLY A 1227 -29.44 -32.41 -20.62
C GLY A 1227 -28.60 -32.22 -19.37
N LEU A 1228 -29.08 -32.73 -18.25
CA LEU A 1228 -28.36 -32.58 -16.99
C LEU A 1228 -26.97 -33.18 -17.08
N TYR A 1229 -26.88 -34.50 -17.26
CA TYR A 1229 -25.60 -35.16 -17.43
C TYR A 1229 -25.67 -36.19 -18.56
N PHE A 1230 -26.71 -36.15 -19.39
CA PHE A 1230 -27.00 -37.19 -20.38
C PHE A 1230 -26.03 -37.05 -21.56
N GLY A 1231 -24.81 -37.52 -21.35
CA GLY A 1231 -23.82 -37.53 -22.39
C GLY A 1231 -23.04 -36.23 -22.48
N GLU A 1232 -22.13 -36.19 -23.46
CA GLU A 1232 -21.31 -35.02 -23.68
C GLU A 1232 -22.14 -33.88 -24.26
N GLN A 1233 -21.60 -32.66 -24.15
CA GLN A 1233 -22.28 -31.44 -24.59
C GLN A 1233 -23.62 -31.27 -23.86
N ALA A 1234 -23.58 -31.53 -22.56
CA ALA A 1234 -24.75 -31.42 -21.69
C ALA A 1234 -24.65 -30.12 -20.89
N TYR A 1235 -25.61 -29.93 -19.97
CA TYR A 1235 -25.62 -28.71 -19.18
C TYR A 1235 -24.41 -28.62 -18.26
N LEU A 1236 -24.15 -29.68 -17.50
CA LEU A 1236 -23.08 -29.68 -16.51
C LEU A 1236 -21.70 -29.94 -17.11
N ARG A 1237 -21.52 -29.75 -18.41
CA ARG A 1237 -20.22 -29.93 -19.05
C ARG A 1237 -19.37 -28.67 -19.03
N SER A 1238 -19.82 -27.61 -18.36
CA SER A 1238 -19.04 -26.39 -18.22
C SER A 1238 -19.07 -25.93 -16.77
N SER A 1239 -18.03 -25.22 -16.37
CA SER A 1239 -17.90 -24.79 -14.98
C SER A 1239 -19.00 -23.81 -14.59
N TRP A 1240 -19.27 -22.82 -15.44
CA TRP A 1240 -20.23 -21.78 -15.10
C TRP A 1240 -21.64 -22.36 -14.93
N ASN A 1241 -22.01 -23.31 -15.79
CA ASN A 1241 -23.33 -23.93 -15.67
C ASN A 1241 -23.46 -24.68 -14.37
N VAL A 1242 -22.39 -25.34 -13.93
CA VAL A 1242 -22.40 -26.03 -12.63
C VAL A 1242 -22.60 -25.03 -11.51
N LEU A 1243 -21.92 -23.87 -11.58
CA LEU A 1243 -22.09 -22.85 -10.56
C LEU A 1243 -23.52 -22.33 -10.52
N ASP A 1244 -24.11 -22.10 -11.69
CA ASP A 1244 -25.51 -21.66 -11.73
C ASP A 1244 -26.44 -22.70 -11.14
N GLY A 1245 -26.18 -23.98 -11.46
CA GLY A 1245 -26.97 -25.05 -10.87
C GLY A 1245 -26.86 -25.09 -9.36
N PHE A 1246 -25.64 -24.95 -8.84
CA PHE A 1246 -25.45 -24.95 -7.39
C PHE A 1246 -26.19 -23.78 -6.76
N LEU A 1247 -26.11 -22.60 -7.37
CA LEU A 1247 -26.78 -21.44 -6.80
C LEU A 1247 -28.29 -21.60 -6.80
N VAL A 1248 -28.85 -22.10 -7.90
CA VAL A 1248 -30.30 -22.25 -7.95
C VAL A 1248 -30.77 -23.35 -7.00
N PHE A 1249 -29.99 -24.43 -6.87
CA PHE A 1249 -30.34 -25.47 -5.91
C PHE A 1249 -30.30 -24.94 -4.48
N VAL A 1250 -29.30 -24.11 -4.17
CA VAL A 1250 -29.23 -23.50 -2.86
C VAL A 1250 -30.44 -22.60 -2.62
N SER A 1251 -30.85 -21.85 -3.64
CA SER A 1251 -32.03 -21.01 -3.47
C SER A 1251 -33.28 -21.84 -3.23
N ILE A 1252 -33.43 -22.95 -3.95
CA ILE A 1252 -34.58 -23.83 -3.73
C ILE A 1252 -34.59 -24.37 -2.31
N ILE A 1253 -33.45 -24.90 -1.85
CA ILE A 1253 -33.44 -25.51 -0.52
C ILE A 1253 -33.60 -24.44 0.55
N ASP A 1254 -33.11 -23.21 0.30
CA ASP A 1254 -33.34 -22.12 1.23
C ASP A 1254 -34.81 -21.77 1.32
N ILE A 1255 -35.50 -21.75 0.17
CA ILE A 1255 -36.94 -21.49 0.18
C ILE A 1255 -37.66 -22.60 0.93
N VAL A 1256 -37.21 -23.84 0.76
CA VAL A 1256 -37.83 -24.96 1.46
C VAL A 1256 -37.68 -24.80 2.97
N VAL A 1257 -36.47 -24.46 3.43
CA VAL A 1257 -36.25 -24.29 4.86
C VAL A 1257 -37.02 -23.09 5.38
N SER A 1258 -37.13 -22.03 4.59
CA SER A 1258 -37.92 -20.86 4.99
C SER A 1258 -39.39 -21.23 5.15
N LEU A 1259 -39.93 -22.02 4.23
CA LEU A 1259 -41.29 -22.54 4.38
C LEU A 1259 -41.38 -23.52 5.53
N ALA A 1260 -40.26 -24.07 5.98
CA ALA A 1260 -40.20 -24.90 7.19
C ALA A 1260 -39.96 -24.07 8.45
N SER A 1261 -40.36 -22.79 8.43
CA SER A 1261 -40.14 -21.92 9.59
C SER A 1261 -40.80 -22.48 10.84
N ALA A 1262 -41.92 -23.19 10.70
CA ALA A 1262 -42.56 -23.84 11.84
C ALA A 1262 -41.59 -24.83 12.49
N GLY A 1263 -41.17 -24.55 13.71
CA GLY A 1263 -40.16 -25.35 14.37
C GLY A 1263 -38.77 -25.04 13.83
N GLY A 1264 -38.38 -23.77 13.92
CA GLY A 1264 -37.12 -23.32 13.39
C GLY A 1264 -35.92 -23.51 14.30
N ALA A 1265 -36.10 -24.13 15.46
CA ALA A 1265 -34.99 -24.37 16.36
C ALA A 1265 -34.01 -25.37 15.75
N LYS A 1266 -32.73 -25.16 16.05
CA LYS A 1266 -31.60 -26.01 15.66
C LYS A 1266 -31.31 -25.96 14.17
N ILE A 1267 -32.10 -25.23 13.37
CA ILE A 1267 -31.82 -25.03 11.96
C ILE A 1267 -31.56 -23.56 11.64
N LEU A 1268 -31.46 -22.72 12.67
CA LEU A 1268 -31.07 -21.33 12.45
C LEU A 1268 -29.69 -21.24 11.81
N GLY A 1269 -28.79 -22.14 12.19
CA GLY A 1269 -27.51 -22.21 11.52
C GLY A 1269 -27.63 -22.55 10.05
N VAL A 1270 -28.56 -23.45 9.71
CA VAL A 1270 -28.80 -23.79 8.32
C VAL A 1270 -29.32 -22.58 7.57
N LEU A 1271 -30.22 -21.82 8.19
CA LEU A 1271 -30.68 -20.58 7.58
C LEU A 1271 -29.53 -19.61 7.36
N ARG A 1272 -28.63 -19.51 8.34
CA ARG A 1272 -27.46 -18.64 8.19
C ARG A 1272 -26.62 -19.07 6.99
N VAL A 1273 -26.37 -20.37 6.86
CA VAL A 1273 -25.54 -20.85 5.76
C VAL A 1273 -26.22 -20.58 4.42
N LEU A 1274 -27.53 -20.83 4.34
CA LEU A 1274 -28.24 -20.56 3.10
C LEU A 1274 -28.23 -19.08 2.77
N ARG A 1275 -28.27 -18.21 3.78
CA ARG A 1275 -28.22 -16.77 3.53
C ARG A 1275 -26.82 -16.34 3.08
N LEU A 1276 -25.78 -16.95 3.62
CA LEU A 1276 -24.42 -16.69 3.13
C LEU A 1276 -24.30 -17.07 1.65
N LEU A 1277 -24.82 -18.24 1.28
CA LEU A 1277 -24.80 -18.61 -0.13
C LEU A 1277 -25.73 -17.71 -0.95
N ARG A 1278 -26.74 -17.13 -0.31
CA ARG A 1278 -27.55 -16.12 -0.99
C ARG A 1278 -26.72 -14.90 -1.35
N THR A 1279 -25.80 -14.50 -0.47
CA THR A 1279 -24.85 -13.46 -0.84
C THR A 1279 -23.93 -13.92 -1.95
N LEU A 1280 -23.55 -15.20 -1.94
CA LEU A 1280 -22.73 -15.73 -3.02
C LEU A 1280 -23.47 -15.70 -4.36
N ARG A 1281 -24.81 -15.70 -4.33
CA ARG A 1281 -25.63 -15.80 -5.53
C ARG A 1281 -25.26 -14.85 -6.66
N PRO A 1282 -25.13 -13.52 -6.44
CA PRO A 1282 -24.90 -12.62 -7.58
C PRO A 1282 -23.52 -12.78 -8.20
N LEU A 1283 -23.28 -13.94 -8.81
CA LEU A 1283 -22.02 -14.27 -9.43
C LEU A 1283 -22.18 -14.83 -10.83
N ARG A 1284 -23.42 -14.99 -11.31
CA ARG A 1284 -23.68 -15.55 -12.63
C ARG A 1284 -23.48 -14.52 -13.74
N VAL A 1285 -23.26 -13.25 -13.41
CA VAL A 1285 -22.98 -12.25 -14.44
C VAL A 1285 -21.73 -12.63 -15.22
N ILE A 1286 -20.77 -13.29 -14.57
CA ILE A 1286 -19.59 -13.79 -15.28
C ILE A 1286 -20.00 -14.80 -16.35
N SER A 1287 -20.88 -15.72 -16.00
CA SER A 1287 -21.34 -16.71 -16.96
C SER A 1287 -22.13 -16.07 -18.09
N ARG A 1288 -22.96 -15.06 -17.78
CA ARG A 1288 -23.84 -14.44 -18.74
C ARG A 1288 -23.22 -13.23 -19.42
N ALA A 1289 -21.90 -13.19 -19.56
CA ALA A 1289 -21.22 -12.11 -20.26
C ALA A 1289 -19.91 -12.66 -20.81
N PRO A 1290 -19.58 -12.35 -22.07
CA PRO A 1290 -18.36 -12.94 -22.64
C PRO A 1290 -17.08 -12.31 -22.12
N GLY A 1291 -17.03 -10.99 -21.98
CA GLY A 1291 -15.80 -10.34 -21.55
C GLY A 1291 -15.39 -10.73 -20.15
N LEU A 1292 -16.35 -10.72 -19.22
CA LEU A 1292 -16.04 -11.08 -17.84
C LEU A 1292 -15.63 -12.55 -17.74
N LYS A 1293 -16.30 -13.42 -18.51
CA LYS A 1293 -15.93 -14.84 -18.50
C LYS A 1293 -14.51 -15.03 -19.00
N LEU A 1294 -14.15 -14.35 -20.10
CA LEU A 1294 -12.79 -14.45 -20.62
C LEU A 1294 -11.78 -13.92 -19.63
N VAL A 1295 -12.09 -12.81 -18.96
CA VAL A 1295 -11.18 -12.24 -17.98
C VAL A 1295 -10.99 -13.18 -16.79
N VAL A 1296 -12.08 -13.80 -16.32
CA VAL A 1296 -11.94 -14.74 -15.21
C VAL A 1296 -11.11 -15.94 -15.64
N GLU A 1297 -11.30 -16.42 -16.86
CA GLU A 1297 -10.48 -17.50 -17.37
C GLU A 1297 -9.01 -17.11 -17.41
N THR A 1298 -8.72 -15.88 -17.83
CA THR A 1298 -7.34 -15.41 -17.87
C THR A 1298 -6.77 -15.23 -16.47
N LEU A 1299 -7.60 -14.78 -15.53
CA LEU A 1299 -7.18 -14.64 -14.14
C LEU A 1299 -6.80 -15.99 -13.56
N ILE A 1300 -7.56 -17.03 -13.89
CA ILE A 1300 -7.21 -18.37 -13.42
C ILE A 1300 -5.97 -18.88 -14.13
N SER A 1301 -5.84 -18.62 -15.43
CA SER A 1301 -4.66 -19.03 -16.16
C SER A 1301 -3.40 -18.33 -15.66
N SER A 1302 -3.56 -17.16 -15.04
CA SER A 1302 -2.45 -16.40 -14.50
C SER A 1302 -2.20 -16.71 -13.03
N LEU A 1303 -2.86 -17.73 -12.48
CA LEU A 1303 -2.70 -18.13 -11.10
C LEU A 1303 -1.95 -19.44 -10.93
N LYS A 1304 -2.00 -20.31 -11.94
CA LYS A 1304 -1.21 -21.53 -11.90
C LYS A 1304 0.30 -21.27 -11.90
N PRO A 1305 0.85 -20.39 -12.75
CA PRO A 1305 2.30 -20.18 -12.72
C PRO A 1305 2.83 -19.72 -11.37
N ILE A 1306 2.05 -18.97 -10.61
CA ILE A 1306 2.44 -18.55 -9.27
C ILE A 1306 1.92 -19.51 -8.20
N GLY A 1307 1.32 -20.63 -8.60
CA GLY A 1307 0.81 -21.57 -7.62
C GLY A 1307 1.90 -22.15 -6.75
N ASN A 1308 3.05 -22.48 -7.34
CA ASN A 1308 4.16 -23.01 -6.55
C ASN A 1308 4.65 -21.97 -5.54
N ILE A 1309 4.73 -20.70 -5.96
CA ILE A 1309 5.16 -19.65 -5.05
C ILE A 1309 4.14 -19.45 -3.94
N VAL A 1310 2.85 -19.57 -4.26
CA VAL A 1310 1.81 -19.49 -3.23
C VAL A 1310 1.96 -20.61 -2.22
N LEU A 1311 2.22 -21.83 -2.70
CA LEU A 1311 2.41 -22.96 -1.79
C LEU A 1311 3.64 -22.76 -0.92
N ILE A 1312 4.73 -22.26 -1.50
CA ILE A 1312 5.93 -22.00 -0.70
C ILE A 1312 5.65 -20.94 0.35
N CYS A 1313 4.93 -19.88 -0.01
CA CYS A 1313 4.64 -18.82 0.95
C CYS A 1313 3.70 -19.29 2.04
N CYS A 1314 2.76 -20.20 1.72
CA CYS A 1314 1.92 -20.77 2.76
C CYS A 1314 2.73 -21.69 3.67
N ALA A 1315 3.71 -22.41 3.11
CA ALA A 1315 4.59 -23.22 3.94
C ALA A 1315 5.41 -22.35 4.89
N PHE A 1316 5.89 -21.21 4.39
CA PHE A 1316 6.59 -20.26 5.27
C PHE A 1316 5.66 -19.66 6.31
N PHE A 1317 4.40 -19.42 5.95
CA PHE A 1317 3.43 -18.98 6.95
C PHE A 1317 3.27 -20.01 8.05
N ILE A 1318 3.18 -21.29 7.69
CA ILE A 1318 3.04 -22.34 8.70
C ILE A 1318 4.29 -22.43 9.56
N ILE A 1319 5.47 -22.35 8.94
CA ILE A 1319 6.72 -22.45 9.68
C ILE A 1319 6.84 -21.30 10.68
N PHE A 1320 6.64 -20.07 10.21
CA PHE A 1320 6.71 -18.92 11.10
C PHE A 1320 5.57 -18.91 12.11
N GLY A 1321 4.44 -19.55 11.79
CA GLY A 1321 3.37 -19.68 12.77
C GLY A 1321 3.77 -20.57 13.92
N ILE A 1322 4.38 -21.72 13.62
CA ILE A 1322 4.86 -22.60 14.68
C ILE A 1322 5.96 -21.92 15.47
N LEU A 1323 6.82 -21.15 14.79
CA LEU A 1323 7.85 -20.39 15.49
C LEU A 1323 7.22 -19.37 16.43
N GLY A 1324 6.20 -18.65 15.97
CA GLY A 1324 5.52 -17.69 16.81
C GLY A 1324 4.82 -18.36 17.98
N VAL A 1325 4.26 -19.54 17.77
CA VAL A 1325 3.66 -20.29 18.87
C VAL A 1325 4.72 -20.63 19.91
N GLN A 1326 5.88 -21.10 19.45
CA GLN A 1326 6.98 -21.36 20.38
C GLN A 1326 7.33 -20.12 21.18
N LEU A 1327 7.48 -18.98 20.51
CA LEU A 1327 8.00 -17.79 21.17
C LEU A 1327 6.96 -17.17 22.11
N PHE A 1328 5.71 -17.08 21.67
CA PHE A 1328 4.67 -16.32 22.33
C PHE A 1328 3.51 -17.27 22.64
N LYS A 1329 3.29 -17.60 23.91
CA LYS A 1329 2.21 -18.51 24.26
C LYS A 1329 1.15 -17.84 25.13
N GLY A 1330 1.52 -17.36 26.31
CA GLY A 1330 0.59 -16.66 27.17
C GLY A 1330 1.05 -15.23 27.39
N LYS A 1331 2.00 -14.81 26.58
CA LYS A 1331 2.70 -13.55 26.80
C LYS A 1331 1.96 -12.35 26.26
N PHE A 1332 0.88 -12.54 25.50
CA PHE A 1332 0.10 -11.43 24.99
C PHE A 1332 -1.11 -11.13 25.88
N TYR A 1333 -0.85 -10.86 27.15
CA TYR A 1333 -1.87 -10.47 28.12
C TYR A 1333 -1.35 -9.25 28.87
N HIS A 1334 -2.19 -8.23 29.02
CA HIS A 1334 -1.78 -7.03 29.73
C HIS A 1334 -2.94 -6.52 30.57
N CYS A 1335 -2.61 -5.78 31.63
CA CYS A 1335 -3.60 -5.23 32.55
C CYS A 1335 -3.98 -3.83 32.08
N LEU A 1336 -5.01 -3.77 31.23
CA LEU A 1336 -5.53 -2.50 30.75
C LEU A 1336 -6.40 -1.90 31.85
N GLY A 1337 -5.95 -0.82 32.46
CA GLY A 1337 -6.67 -0.22 33.55
C GLY A 1337 -6.33 1.23 33.74
N VAL A 1338 -6.65 1.74 34.93
CA VAL A 1338 -6.42 3.15 35.24
C VAL A 1338 -4.92 3.45 35.22
N ASP A 1339 -4.12 2.60 35.85
CA ASP A 1339 -2.68 2.82 35.95
C ASP A 1339 -1.88 2.03 34.93
N THR A 1340 -2.04 0.70 34.94
CA THR A 1340 -1.19 -0.20 34.16
C THR A 1340 0.28 0.10 34.46
N ARG A 1341 0.58 0.22 35.75
CA ARG A 1341 1.92 0.55 36.21
C ARG A 1341 2.06 0.06 37.64
N ASN A 1342 3.31 -0.12 38.05
CA ASN A 1342 3.76 -0.71 39.32
C ASN A 1342 3.21 -2.12 39.55
N ILE A 1343 2.62 -2.73 38.53
CA ILE A 1343 2.06 -4.07 38.60
C ILE A 1343 2.84 -4.96 37.64
N THR A 1344 3.09 -6.20 38.06
CA THR A 1344 3.87 -7.12 37.25
C THR A 1344 3.03 -8.27 36.72
N ASN A 1345 2.41 -9.07 37.60
CA ASN A 1345 1.71 -10.27 37.19
C ASN A 1345 0.20 -10.08 37.31
N ARG A 1346 -0.54 -11.06 36.78
CA ARG A 1346 -2.00 -10.98 36.77
C ARG A 1346 -2.57 -10.86 38.16
N SER A 1347 -1.89 -11.43 39.17
CA SER A 1347 -2.37 -11.27 40.54
C SER A 1347 -2.37 -9.81 40.96
N ASP A 1348 -1.37 -9.05 40.52
CA ASP A 1348 -1.36 -7.61 40.78
C ASP A 1348 -2.55 -6.93 40.11
N CYS A 1349 -2.88 -7.33 38.89
CA CYS A 1349 -4.03 -6.76 38.19
C CYS A 1349 -5.32 -7.07 38.93
N MET A 1350 -5.49 -8.31 39.38
CA MET A 1350 -6.70 -8.66 40.11
C MET A 1350 -6.74 -7.98 41.47
N ALA A 1351 -5.58 -7.66 42.05
CA ALA A 1351 -5.56 -6.77 43.21
C ALA A 1351 -6.09 -5.40 42.85
N ALA A 1352 -5.69 -4.89 41.67
CA ALA A 1352 -6.22 -3.62 41.18
C ALA A 1352 -7.57 -3.79 40.49
N ASN A 1353 -7.95 -5.02 40.14
CA ASN A 1353 -9.26 -5.31 39.54
C ASN A 1353 -9.50 -4.51 38.27
N TYR A 1354 -8.46 -4.33 37.45
CA TYR A 1354 -8.66 -3.53 36.24
C TYR A 1354 -9.28 -4.37 35.12
N ARG A 1355 -8.48 -5.26 34.52
CA ARG A 1355 -8.92 -6.28 33.59
C ARG A 1355 -7.72 -7.08 33.11
N TRP A 1356 -7.93 -8.32 32.70
CA TRP A 1356 -6.87 -9.11 32.06
C TRP A 1356 -7.20 -9.18 30.57
N VAL A 1357 -6.77 -8.17 29.84
CA VAL A 1357 -7.13 -8.04 28.43
C VAL A 1357 -6.28 -8.99 27.60
N HIS A 1358 -6.93 -9.79 26.77
CA HIS A 1358 -6.28 -10.72 25.86
C HIS A 1358 -6.35 -10.14 24.46
N HIS A 1359 -5.19 -9.82 23.88
CA HIS A 1359 -5.17 -9.20 22.57
C HIS A 1359 -5.88 -10.09 21.55
N LYS A 1360 -6.56 -9.44 20.61
CA LYS A 1360 -7.18 -10.19 19.53
C LYS A 1360 -6.16 -10.71 18.54
N TYR A 1361 -4.92 -10.23 18.62
CA TYR A 1361 -3.83 -10.63 17.73
C TYR A 1361 -2.73 -11.22 18.60
N ASN A 1362 -2.64 -12.55 18.62
CA ASN A 1362 -1.73 -13.22 19.55
C ASN A 1362 -1.39 -14.59 18.97
N PHE A 1363 -0.46 -15.26 19.64
CA PHE A 1363 0.14 -16.48 19.11
C PHE A 1363 -0.18 -17.70 19.97
N ASP A 1364 -1.32 -17.71 20.65
CA ASP A 1364 -1.69 -18.83 21.50
C ASP A 1364 -1.84 -20.12 20.71
N ASN A 1365 -2.84 -20.16 19.81
CA ASN A 1365 -3.01 -21.30 18.93
C ASN A 1365 -2.08 -21.15 17.74
N LEU A 1366 -2.16 -22.08 16.79
CA LEU A 1366 -1.50 -21.86 15.51
C LEU A 1366 -2.41 -21.15 14.53
N GLY A 1367 -3.73 -21.29 14.67
CA GLY A 1367 -4.64 -20.50 13.85
C GLY A 1367 -4.55 -19.02 14.17
N GLN A 1368 -4.51 -18.67 15.46
CA GLN A 1368 -4.34 -17.27 15.82
C GLN A 1368 -2.96 -16.76 15.43
N ALA A 1369 -1.94 -17.63 15.50
CA ALA A 1369 -0.62 -17.24 15.03
C ALA A 1369 -0.64 -16.98 13.53
N LEU A 1370 -1.38 -17.79 12.77
CA LEU A 1370 -1.45 -17.59 11.33
C LEU A 1370 -2.23 -16.33 10.97
N MET A 1371 -3.29 -16.03 11.72
CA MET A 1371 -4.02 -14.78 11.49
C MET A 1371 -3.15 -13.58 11.81
N SER A 1372 -2.43 -13.62 12.94
CA SER A 1372 -1.51 -12.53 13.26
C SER A 1372 -0.41 -12.41 12.22
N LEU A 1373 0.04 -13.54 11.67
CA LEU A 1373 1.07 -13.48 10.65
C LEU A 1373 0.54 -12.91 9.35
N PHE A 1374 -0.72 -13.18 9.01
CA PHE A 1374 -1.29 -12.55 7.82
C PHE A 1374 -1.45 -11.06 8.03
N VAL A 1375 -1.80 -10.63 9.25
CA VAL A 1375 -1.86 -9.20 9.52
C VAL A 1375 -0.47 -8.58 9.39
N LEU A 1376 0.55 -9.24 9.92
CA LEU A 1376 1.92 -8.78 9.74
C LEU A 1376 2.26 -8.67 8.26
N ALA A 1377 2.06 -9.75 7.51
CA ALA A 1377 2.53 -9.86 6.14
C ALA A 1377 1.77 -8.97 5.17
N SER A 1378 0.67 -8.37 5.59
CA SER A 1378 -0.02 -7.38 4.77
C SER A 1378 0.47 -5.96 5.03
N LYS A 1379 1.55 -5.82 5.81
CA LYS A 1379 2.14 -4.52 6.15
C LYS A 1379 1.08 -3.57 6.69
N ASP A 1380 0.17 -4.11 7.50
CA ASP A 1380 -0.90 -3.35 8.12
C ASP A 1380 -1.05 -3.79 9.56
N GLY A 1381 -1.20 -2.84 10.47
CA GLY A 1381 -1.36 -3.14 11.88
C GLY A 1381 -0.26 -3.98 12.47
N TRP A 1382 0.84 -4.13 11.72
CA TRP A 1382 1.93 -5.00 12.13
C TRP A 1382 2.79 -4.38 13.21
N VAL A 1383 2.75 -3.06 13.37
CA VAL A 1383 3.57 -2.40 14.39
C VAL A 1383 3.06 -2.73 15.78
N ASN A 1384 1.74 -2.79 15.97
CA ASN A 1384 1.21 -3.17 17.28
C ASN A 1384 1.54 -4.62 17.62
N ILE A 1385 1.46 -5.51 16.64
CA ILE A 1385 1.87 -6.89 16.84
C ILE A 1385 3.34 -6.94 17.24
N MET A 1386 4.19 -6.18 16.56
CA MET A 1386 5.61 -6.17 16.87
C MET A 1386 5.86 -5.62 18.27
N TYR A 1387 5.09 -4.61 18.67
CA TYR A 1387 5.23 -4.04 20.01
C TYR A 1387 4.84 -5.06 21.05
N ASN A 1388 3.77 -5.80 20.80
CA ASN A 1388 3.38 -6.87 21.73
C ASN A 1388 4.46 -7.94 21.80
N GLY A 1389 5.09 -8.25 20.67
CA GLY A 1389 6.15 -9.25 20.67
C GLY A 1389 7.36 -8.82 21.48
N LEU A 1390 7.86 -7.62 21.23
CA LEU A 1390 9.00 -7.11 22.00
C LEU A 1390 8.65 -6.98 23.48
N ASP A 1391 7.45 -6.48 23.77
CA ASP A 1391 7.05 -6.25 25.15
C ASP A 1391 6.83 -7.55 25.91
N ALA A 1392 6.50 -8.64 25.21
CA ALA A 1392 6.07 -9.88 25.86
C ALA A 1392 7.17 -10.43 26.76
N VAL A 1393 6.77 -10.90 27.95
CA VAL A 1393 7.73 -11.38 28.94
C VAL A 1393 7.49 -12.84 29.33
N ALA A 1394 6.29 -13.16 29.80
CA ALA A 1394 6.03 -14.51 30.30
C ALA A 1394 4.52 -14.74 30.38
N VAL A 1395 4.13 -15.87 31.01
CA VAL A 1395 2.80 -16.42 30.79
C VAL A 1395 1.71 -15.54 31.41
N ASP A 1396 1.93 -15.00 32.60
CA ASP A 1396 0.88 -14.25 33.28
C ASP A 1396 1.43 -13.02 33.99
N GLN A 1397 2.32 -12.29 33.34
CA GLN A 1397 2.77 -11.02 33.88
C GLN A 1397 2.79 -9.95 32.79
N GLN A 1398 2.81 -8.70 33.25
CA GLN A 1398 2.71 -7.54 32.35
C GLN A 1398 3.86 -7.52 31.36
N PRO A 1399 3.59 -7.39 30.07
CA PRO A 1399 4.66 -7.05 29.12
C PRO A 1399 5.28 -5.72 29.50
N VAL A 1400 6.59 -5.63 29.35
CA VAL A 1400 7.32 -4.40 29.67
C VAL A 1400 8.00 -3.91 28.42
N THR A 1401 8.21 -2.60 28.34
CA THR A 1401 8.60 -1.97 27.10
C THR A 1401 9.98 -2.45 26.65
N ASN A 1402 10.05 -2.95 25.42
CA ASN A 1402 11.28 -3.37 24.78
C ASN A 1402 12.04 -4.40 25.62
N HIS A 1403 11.28 -5.36 26.16
CA HIS A 1403 11.88 -6.40 26.99
C HIS A 1403 12.93 -7.20 26.22
N ASN A 1404 12.57 -7.70 25.04
CA ASN A 1404 13.47 -8.53 24.25
C ASN A 1404 13.50 -8.01 22.83
N PRO A 1405 14.24 -6.94 22.57
CA PRO A 1405 14.30 -6.38 21.21
C PRO A 1405 14.77 -7.36 20.15
N TRP A 1406 15.33 -8.51 20.52
CA TRP A 1406 15.88 -9.43 19.54
C TRP A 1406 14.81 -10.05 18.67
N MET A 1407 13.55 -9.99 19.08
CA MET A 1407 12.42 -10.51 18.33
C MET A 1407 12.03 -9.63 17.15
N LEU A 1408 12.63 -8.44 17.07
CA LEU A 1408 12.62 -7.66 15.84
C LEU A 1408 13.09 -8.48 14.65
N LEU A 1409 14.05 -9.38 14.85
CA LEU A 1409 14.48 -10.27 13.79
C LEU A 1409 13.34 -11.13 13.25
N TYR A 1410 12.57 -11.77 14.13
CA TYR A 1410 11.41 -12.53 13.67
C TYR A 1410 10.42 -11.63 12.95
N PHE A 1411 10.02 -10.52 13.60
CA PHE A 1411 8.92 -9.72 13.07
C PHE A 1411 9.29 -8.99 11.80
N ILE A 1412 10.58 -8.80 11.53
CA ILE A 1412 10.99 -8.09 10.32
C ILE A 1412 11.49 -9.03 9.23
N SER A 1413 12.14 -10.14 9.59
CA SER A 1413 12.44 -11.17 8.62
C SER A 1413 11.19 -11.77 8.01
N PHE A 1414 10.11 -11.91 8.79
CA PHE A 1414 8.85 -12.35 8.21
C PHE A 1414 8.40 -11.39 7.12
N LEU A 1415 8.40 -10.09 7.43
CA LEU A 1415 7.99 -9.07 6.47
C LEU A 1415 8.85 -9.08 5.23
N LEU A 1416 10.16 -9.27 5.36
CA LEU A 1416 11.03 -9.31 4.20
C LEU A 1416 10.84 -10.55 3.34
N ILE A 1417 10.66 -11.72 3.95
CA ILE A 1417 10.44 -12.94 3.17
C ILE A 1417 9.09 -12.90 2.46
N VAL A 1418 8.03 -12.48 3.15
CA VAL A 1418 6.72 -12.43 2.50
C VAL A 1418 6.72 -11.36 1.41
N SER A 1419 7.44 -10.26 1.62
CA SER A 1419 7.56 -9.26 0.57
C SER A 1419 8.30 -9.80 -0.64
N PHE A 1420 9.37 -10.57 -0.43
CA PHE A 1420 10.06 -11.17 -1.56
C PHE A 1420 9.15 -12.13 -2.32
N PHE A 1421 8.40 -12.96 -1.60
CA PHE A 1421 7.50 -13.88 -2.28
C PHE A 1421 6.39 -13.14 -3.02
N VAL A 1422 5.90 -12.03 -2.48
CA VAL A 1422 4.86 -11.28 -3.17
C VAL A 1422 5.41 -10.65 -4.44
N LEU A 1423 6.61 -10.08 -4.37
CA LEU A 1423 7.23 -9.58 -5.60
C LEU A 1423 7.46 -10.70 -6.60
N ASN A 1424 7.77 -11.90 -6.13
CA ASN A 1424 7.95 -13.01 -7.05
C ASN A 1424 6.64 -13.44 -7.69
N MET A 1425 5.54 -13.44 -6.94
CA MET A 1425 4.24 -13.68 -7.55
C MET A 1425 3.91 -12.62 -8.59
N PHE A 1426 4.19 -11.36 -8.28
CA PHE A 1426 3.92 -10.28 -9.23
C PHE A 1426 4.72 -10.47 -10.52
N VAL A 1427 6.02 -10.75 -10.39
CA VAL A 1427 6.85 -10.95 -11.57
C VAL A 1427 6.45 -12.22 -12.32
N GLY A 1428 6.02 -13.27 -11.61
CA GLY A 1428 5.54 -14.45 -12.29
C GLY A 1428 4.31 -14.18 -13.12
N VAL A 1429 3.37 -13.41 -12.57
CA VAL A 1429 2.20 -13.00 -13.32
C VAL A 1429 2.58 -12.16 -14.54
N VAL A 1430 3.52 -11.22 -14.38
CA VAL A 1430 3.96 -10.39 -15.49
C VAL A 1430 4.57 -11.23 -16.60
N VAL A 1431 5.48 -12.14 -16.25
CA VAL A 1431 6.13 -12.96 -17.27
C VAL A 1431 5.14 -13.94 -17.89
N GLU A 1432 4.18 -14.44 -17.11
CA GLU A 1432 3.15 -15.31 -17.68
C GLU A 1432 2.32 -14.56 -18.73
N ASN A 1433 1.86 -13.36 -18.38
CA ASN A 1433 1.09 -12.59 -19.37
C ASN A 1433 2.05 -12.36 -20.52
N PHE A 1434 3.32 -12.12 -20.23
CA PHE A 1434 4.22 -11.76 -21.35
C PHE A 1434 4.12 -12.83 -22.41
N HIS A 1435 4.39 -14.07 -22.05
CA HIS A 1435 4.41 -15.14 -23.08
C HIS A 1435 3.16 -15.10 -23.96
N LYS A 1436 1.98 -15.18 -23.34
CA LYS A 1436 0.74 -15.26 -24.14
C LYS A 1436 0.56 -14.01 -25.01
N CYS A 1437 0.77 -12.86 -24.40
CA CYS A 1437 0.50 -11.63 -25.17
C CYS A 1437 1.49 -11.56 -26.31
N ARG A 1438 2.72 -12.03 -26.12
CA ARG A 1438 3.78 -12.03 -27.16
C ARG A 1438 3.32 -12.91 -28.32
N GLN A 1439 2.84 -14.12 -28.04
CA GLN A 1439 2.30 -14.89 -29.19
C GLN A 1439 1.25 -14.07 -29.93
N HIS A 1440 0.24 -13.60 -29.17
CA HIS A 1440 -0.87 -12.93 -29.89
C HIS A 1440 -0.27 -11.80 -30.72
N GLN A 1441 0.68 -11.07 -30.15
CA GLN A 1441 1.35 -9.94 -30.81
C GLN A 1441 1.87 -10.50 -32.10
N GLU A 1442 2.99 -11.23 -32.09
CA GLU A 1442 3.46 -11.87 -33.34
C GLU A 1442 2.30 -11.94 -34.34
N ALA A 1443 1.35 -12.83 -34.09
CA ALA A 1443 0.32 -13.02 -35.15
C ALA A 1443 -0.56 -11.87 -35.71
N GLU A 1444 -1.27 -11.24 -34.78
CA GLU A 1444 -2.08 -10.11 -35.30
C GLU A 1444 -1.23 -8.90 -35.68
N GLU A 1445 -0.01 -8.73 -35.14
CA GLU A 1445 0.75 -7.47 -35.39
C GLU A 1445 1.54 -7.61 -36.68
N ALA A 1446 1.83 -8.84 -37.08
CA ALA A 1446 2.38 -9.05 -38.43
C ALA A 1446 1.27 -8.57 -39.34
N ARG A 1447 0.06 -9.09 -39.09
CA ARG A 1447 -0.92 -8.58 -40.10
C ARG A 1447 -1.10 -7.05 -39.94
N ARG A 1448 -0.86 -6.52 -38.74
CA ARG A 1448 -1.14 -5.09 -38.44
C ARG A 1448 -0.08 -4.19 -39.08
N ARG A 1449 1.17 -4.65 -39.20
CA ARG A 1449 2.26 -3.89 -39.83
C ARG A 1449 2.05 -4.01 -41.33
N GLU A 1450 1.17 -4.84 -41.87
CA GLU A 1450 0.95 -4.71 -43.34
C GLU A 1450 0.19 -3.38 -43.58
N GLU A 1451 -0.92 -3.22 -42.86
CA GLU A 1451 -1.75 -2.02 -43.06
C GLU A 1451 -1.04 -0.77 -42.52
N LYS A 1452 0.07 -0.90 -41.79
CA LYS A 1452 0.72 0.30 -41.19
C LYS A 1452 1.61 0.92 -42.28
N ARG A 1453 2.16 0.08 -43.15
CA ARG A 1453 2.87 0.65 -44.31
C ARG A 1453 1.75 1.12 -45.24
N LEU A 1454 0.58 0.46 -45.15
CA LEU A 1454 -0.54 1.05 -45.95
C LEU A 1454 -0.85 2.47 -45.46
N ARG A 1455 -0.75 2.74 -44.15
CA ARG A 1455 -1.03 4.08 -43.54
C ARG A 1455 0.11 5.07 -43.85
N ARG A 1456 1.34 4.57 -43.99
CA ARG A 1456 2.40 5.51 -44.44
C ARG A 1456 2.05 5.92 -45.88
N LEU A 1457 1.52 4.98 -46.68
CA LEU A 1457 1.05 5.36 -48.05
C LEU A 1457 -0.12 6.34 -47.92
N GLU A 1458 -0.98 6.16 -46.93
CA GLU A 1458 -2.09 7.13 -46.67
C GLU A 1458 -1.52 8.53 -46.43
N LYS A 1459 -0.45 8.68 -45.63
CA LYS A 1459 0.21 10.02 -45.46
C LYS A 1459 0.76 10.55 -46.79
N LYS A 1460 1.42 9.66 -47.54
CA LYS A 1460 1.84 10.11 -48.90
C LYS A 1460 0.62 10.75 -49.58
N ARG A 1461 -0.50 10.02 -49.68
CA ARG A 1461 -1.76 10.56 -50.28
C ARG A 1461 -2.05 11.94 -49.67
N ARG A 1462 -2.23 12.02 -48.35
CA ARG A 1462 -2.37 13.32 -47.63
C ARG A 1462 -1.64 14.45 -48.38
N LYS A 1463 -0.30 14.48 -48.46
CA LYS A 1463 0.31 15.56 -49.36
C LYS A 1463 -0.07 17.08 -49.25
N ALA A 1464 -0.40 17.88 -50.34
CA ALA A 1464 -0.79 19.28 -50.25
C ALA A 1464 -2.11 19.44 -51.00
N GLN A 1465 -3.21 19.52 -50.26
CA GLN A 1465 -4.51 19.74 -50.88
C GLN A 1465 -4.85 21.22 -50.87
N ARG A 1466 -3.95 22.04 -51.41
CA ARG A 1466 -4.07 23.50 -51.47
C ARG A 1466 -4.64 24.06 -50.16
N LEU A 1467 -3.89 23.88 -49.08
CA LEU A 1467 -4.38 24.21 -47.74
C LEU A 1467 -4.85 25.67 -47.71
N PRO A 1468 -6.01 25.96 -47.12
CA PRO A 1468 -6.60 27.30 -47.23
C PRO A 1468 -5.87 28.37 -46.43
N TYR A 1469 -4.56 28.47 -46.59
CA TYR A 1469 -3.83 29.60 -46.00
C TYR A 1469 -4.02 30.86 -46.83
N TYR A 1470 -4.20 30.70 -48.15
CA TYR A 1470 -4.33 31.85 -49.03
C TYR A 1470 -5.64 32.60 -48.77
N ALA A 1471 -6.69 31.88 -48.36
CA ALA A 1471 -7.97 32.53 -48.09
C ALA A 1471 -7.85 33.55 -46.97
N THR A 1472 -6.92 33.34 -46.04
CA THR A 1472 -6.66 34.30 -44.98
C THR A 1472 -5.43 35.16 -45.24
N TYR A 1473 -4.53 34.74 -46.14
CA TYR A 1473 -3.39 35.56 -46.49
C TYR A 1473 -3.85 36.77 -47.30
N CYS A 1474 -3.24 37.93 -47.03
CA CYS A 1474 -3.59 39.20 -47.65
C CYS A 1474 -5.01 39.64 -47.29
N HIS A 1475 -5.67 38.86 -46.44
CA HIS A 1475 -7.01 39.18 -45.93
C HIS A 1475 -6.95 39.69 -44.50
N THR A 1476 -5.90 40.45 -44.17
CA THR A 1476 -5.64 40.99 -42.82
C THR A 1476 -5.25 39.87 -41.85
N ARG A 1477 -5.31 38.62 -42.30
CA ARG A 1477 -4.81 37.48 -41.54
C ARG A 1477 -3.53 36.93 -42.15
N LEU A 1478 -2.84 37.72 -42.97
CA LEU A 1478 -1.59 37.27 -43.58
C LEU A 1478 -0.53 36.96 -42.53
N LEU A 1479 -0.64 37.55 -41.35
CA LEU A 1479 0.26 37.27 -40.24
C LEU A 1479 -0.34 36.27 -39.26
N ILE A 1480 -1.67 36.22 -39.18
CA ILE A 1480 -2.34 35.41 -38.15
C ILE A 1480 -2.12 33.93 -38.41
N HIS A 1481 -2.34 33.50 -39.66
CA HIS A 1481 -2.34 32.06 -39.95
C HIS A 1481 -0.97 31.41 -39.75
N SER A 1482 0.11 32.10 -40.10
CA SER A 1482 1.43 31.49 -40.00
C SER A 1482 2.29 32.16 -38.93
N MET A 1483 2.43 33.48 -39.00
CA MET A 1483 3.32 34.18 -38.08
C MET A 1483 2.73 34.28 -36.68
N CYS A 1484 1.43 34.05 -36.52
CA CYS A 1484 0.78 34.16 -35.21
C CYS A 1484 0.21 32.84 -34.73
N THR A 1485 0.39 31.74 -35.47
CA THR A 1485 0.04 30.42 -34.99
C THR A 1485 1.27 29.54 -34.75
N SER A 1486 2.47 30.11 -34.90
CA SER A 1486 3.70 29.36 -34.73
C SER A 1486 3.97 29.15 -33.23
N HIS A 1487 5.03 28.37 -32.95
CA HIS A 1487 5.41 28.08 -31.58
C HIS A 1487 5.86 29.32 -30.81
N TYR A 1488 6.16 30.42 -31.50
CA TYR A 1488 6.48 31.67 -30.82
C TYR A 1488 5.28 32.24 -30.09
N LEU A 1489 4.07 31.88 -30.49
CA LEU A 1489 2.86 32.41 -29.87
C LEU A 1489 2.23 31.47 -28.86
N ASP A 1490 2.57 30.18 -28.90
CA ASP A 1490 2.01 29.23 -27.95
C ASP A 1490 2.85 29.13 -26.68
N ILE A 1491 4.14 29.47 -26.76
CA ILE A 1491 4.94 29.59 -25.55
C ILE A 1491 4.35 30.65 -24.64
N PHE A 1492 3.76 31.70 -25.22
CA PHE A 1492 3.05 32.69 -24.42
C PHE A 1492 1.88 32.05 -23.69
N ILE A 1493 1.13 31.18 -24.36
CA ILE A 1493 0.00 30.50 -23.73
C ILE A 1493 0.47 29.65 -22.56
N THR A 1494 1.56 28.90 -22.78
CA THR A 1494 2.07 28.06 -21.70
C THR A 1494 2.58 28.89 -20.53
N PHE A 1495 3.23 30.01 -20.81
CA PHE A 1495 3.69 30.90 -19.74
C PHE A 1495 2.51 31.46 -18.95
N ILE A 1496 1.45 31.86 -19.66
CA ILE A 1496 0.27 32.37 -18.98
C ILE A 1496 -0.39 31.28 -18.13
N ILE A 1497 -0.39 30.05 -18.62
CA ILE A 1497 -0.96 28.95 -17.85
C ILE A 1497 -0.13 28.70 -16.59
N CYS A 1498 1.20 28.76 -16.71
CA CYS A 1498 2.05 28.60 -15.53
C CYS A 1498 1.83 29.72 -14.52
N LEU A 1499 1.64 30.94 -15.02
CA LEU A 1499 1.32 32.06 -14.12
C LEU A 1499 -0.03 31.83 -13.45
N ASN A 1500 -1.01 31.31 -14.20
CA ASN A 1500 -2.30 30.98 -13.60
C ASN A 1500 -2.15 29.93 -12.51
N VAL A 1501 -1.31 28.92 -12.76
CA VAL A 1501 -1.08 27.86 -11.79
C VAL A 1501 -0.47 28.43 -10.52
N VAL A 1502 0.56 29.26 -10.66
CA VAL A 1502 1.20 29.82 -9.48
C VAL A 1502 0.30 30.83 -8.78
N THR A 1503 -0.66 31.43 -9.50
CA THR A 1503 -1.63 32.30 -8.83
C THR A 1503 -2.63 31.49 -8.02
N MET A 1504 -3.18 30.42 -8.58
CA MET A 1504 -4.08 29.59 -7.79
C MET A 1504 -3.35 28.96 -6.62
N SER A 1505 -2.06 28.69 -6.75
CA SER A 1505 -1.32 28.10 -5.65
C SER A 1505 -1.01 29.10 -4.54
N LEU A 1506 -1.59 30.30 -4.56
CA LEU A 1506 -1.36 31.29 -3.52
C LEU A 1506 -2.53 31.48 -2.58
N GLU A 1507 -3.71 30.99 -2.94
CA GLU A 1507 -4.87 31.10 -2.07
C GLU A 1507 -4.64 30.31 -0.79
N HIS A 1508 -5.09 30.88 0.34
CA HIS A 1508 -4.95 30.22 1.63
C HIS A 1508 -5.97 30.80 2.59
N TYR A 1509 -5.81 30.49 3.87
CA TYR A 1509 -6.71 30.96 4.91
C TYR A 1509 -6.23 32.30 5.43
N ASN A 1510 -7.15 33.24 5.60
CA ASN A 1510 -6.84 34.59 6.05
C ASN A 1510 -5.80 35.25 5.15
N GLN A 1511 -5.96 35.07 3.85
CA GLN A 1511 -5.07 35.73 2.89
C GLN A 1511 -5.32 37.24 2.91
N PRO A 1512 -4.30 38.03 2.59
CA PRO A 1512 -4.50 39.48 2.50
C PRO A 1512 -5.56 39.83 1.45
N THR A 1513 -6.43 40.77 1.80
CA THR A 1513 -7.42 41.26 0.84
C THR A 1513 -6.73 41.92 -0.35
N SER A 1514 -5.58 42.55 -0.12
CA SER A 1514 -4.77 43.04 -1.22
C SER A 1514 -4.38 41.90 -2.16
N LEU A 1515 -3.98 40.77 -1.60
CA LEU A 1515 -3.68 39.59 -2.41
C LEU A 1515 -4.93 39.03 -3.08
N GLU A 1516 -6.09 39.15 -2.41
CA GLU A 1516 -7.34 38.74 -3.05
C GLU A 1516 -7.59 39.54 -4.32
N THR A 1517 -7.47 40.87 -4.22
CA THR A 1517 -7.67 41.72 -5.39
C THR A 1517 -6.58 41.50 -6.43
N ALA A 1518 -5.36 41.20 -5.99
CA ALA A 1518 -4.29 40.90 -6.93
C ALA A 1518 -4.61 39.65 -7.76
N LEU A 1519 -5.10 38.60 -7.10
CA LEU A 1519 -5.52 37.41 -7.82
C LEU A 1519 -6.74 37.70 -8.70
N LYS A 1520 -7.61 38.59 -8.25
CA LYS A 1520 -8.73 39.01 -9.10
C LYS A 1520 -8.23 39.62 -10.40
N TYR A 1521 -7.29 40.55 -10.31
CA TYR A 1521 -6.75 41.19 -11.51
C TYR A 1521 -5.98 40.20 -12.38
N CYS A 1522 -5.23 39.29 -11.75
CA CYS A 1522 -4.50 38.29 -12.51
C CYS A 1522 -5.47 37.36 -13.26
N ASN A 1523 -6.56 36.97 -12.60
CA ASN A 1523 -7.57 36.15 -13.26
C ASN A 1523 -8.21 36.89 -14.41
N TYR A 1524 -8.47 38.19 -14.24
CA TYR A 1524 -8.99 38.99 -15.35
C TYR A 1524 -8.00 38.99 -16.51
N MET A 1525 -6.72 39.18 -16.22
CA MET A 1525 -5.70 39.15 -17.27
C MET A 1525 -5.69 37.82 -18.01
N PHE A 1526 -5.72 36.71 -17.26
CA PHE A 1526 -5.67 35.39 -17.88
C PHE A 1526 -6.90 35.15 -18.74
N THR A 1527 -8.09 35.47 -18.22
CA THR A 1527 -9.30 35.27 -18.99
C THR A 1527 -9.31 36.12 -20.25
N THR A 1528 -8.88 37.38 -20.13
CA THR A 1528 -8.85 38.27 -21.29
C THR A 1528 -7.91 37.74 -22.36
N VAL A 1529 -6.72 37.29 -21.97
CA VAL A 1529 -5.77 36.82 -22.98
C VAL A 1529 -6.22 35.48 -23.56
N PHE A 1530 -6.93 34.66 -22.77
CA PHE A 1530 -7.48 33.43 -23.32
C PHE A 1530 -8.54 33.72 -24.38
N VAL A 1531 -9.42 34.69 -24.11
CA VAL A 1531 -10.39 35.09 -25.12
C VAL A 1531 -9.69 35.67 -26.34
N LEU A 1532 -8.61 36.43 -26.11
CA LEU A 1532 -7.85 37.00 -27.21
C LEU A 1532 -7.26 35.91 -28.11
N GLU A 1533 -6.65 34.88 -27.51
CA GLU A 1533 -6.08 33.81 -28.33
C GLU A 1533 -7.16 32.98 -29.01
N ALA A 1534 -8.31 32.80 -28.35
CA ALA A 1534 -9.42 32.11 -28.99
C ALA A 1534 -9.89 32.87 -30.23
N VAL A 1535 -10.02 34.19 -30.12
CA VAL A 1535 -10.40 35.00 -31.28
C VAL A 1535 -9.30 34.95 -32.34
N LEU A 1536 -8.04 34.93 -31.91
CA LEU A 1536 -6.93 34.88 -32.85
C LEU A 1536 -6.98 33.61 -33.69
N LYS A 1537 -7.19 32.46 -33.04
CA LYS A 1537 -7.28 31.22 -33.82
C LYS A 1537 -8.57 31.15 -34.64
N LEU A 1538 -9.67 31.72 -34.12
CA LEU A 1538 -10.92 31.72 -34.86
C LEU A 1538 -10.80 32.53 -36.15
N VAL A 1539 -10.09 33.66 -36.11
CA VAL A 1539 -9.83 34.39 -37.34
C VAL A 1539 -8.70 33.77 -38.15
N ALA A 1540 -7.84 32.97 -37.50
CA ALA A 1540 -6.81 32.25 -38.23
C ALA A 1540 -7.42 31.23 -39.19
N PHE A 1541 -8.41 30.48 -38.72
CA PHE A 1541 -9.08 29.54 -39.62
C PHE A 1541 -10.56 29.44 -39.26
N GLY A 1542 -11.37 29.11 -40.26
CA GLY A 1542 -12.81 29.09 -40.13
C GLY A 1542 -13.36 27.97 -39.26
N LEU A 1543 -14.67 27.75 -39.35
CA LEU A 1543 -15.36 26.80 -38.49
C LEU A 1543 -15.01 25.34 -38.79
N ARG A 1544 -14.33 25.07 -39.91
CA ARG A 1544 -14.00 23.69 -40.25
C ARG A 1544 -13.09 23.07 -39.20
N ARG A 1545 -11.88 23.60 -39.05
CA ARG A 1545 -10.97 23.10 -38.02
C ARG A 1545 -11.40 23.50 -36.61
N PHE A 1546 -12.38 24.39 -36.49
CA PHE A 1546 -12.88 24.78 -35.17
C PHE A 1546 -13.39 23.58 -34.40
N PHE A 1547 -14.14 22.70 -35.06
CA PHE A 1547 -14.53 21.43 -34.48
C PHE A 1547 -13.68 20.25 -34.93
N LYS A 1548 -12.94 20.39 -36.04
CA LYS A 1548 -12.08 19.31 -36.49
C LYS A 1548 -10.86 19.15 -35.60
N ASP A 1549 -10.37 20.24 -35.00
CA ASP A 1549 -9.17 20.16 -34.17
C ASP A 1549 -9.40 19.28 -32.94
N ARG A 1550 -10.58 19.40 -32.33
CA ARG A 1550 -10.99 18.70 -31.11
C ARG A 1550 -10.23 19.23 -29.90
N TRP A 1551 -9.26 20.12 -30.08
CA TRP A 1551 -8.56 20.79 -29.00
C TRP A 1551 -8.91 22.27 -28.89
N ASN A 1552 -9.12 22.94 -30.03
CA ASN A 1552 -9.70 24.27 -30.00
C ASN A 1552 -11.07 24.25 -29.34
N GLN A 1553 -11.77 23.12 -29.41
CA GLN A 1553 -12.99 22.94 -28.63
C GLN A 1553 -12.68 23.04 -27.14
N LEU A 1554 -11.60 22.41 -26.70
CA LEU A 1554 -11.21 22.49 -25.29
C LEU A 1554 -10.85 23.91 -24.91
N ASP A 1555 -10.12 24.63 -25.76
CA ASP A 1555 -9.78 26.02 -25.46
C ASP A 1555 -11.03 26.88 -25.37
N LEU A 1556 -11.98 26.69 -26.29
CA LEU A 1556 -13.22 27.46 -26.25
C LEU A 1556 -14.03 27.13 -25.00
N ALA A 1557 -14.08 25.86 -24.61
CA ALA A 1557 -14.79 25.49 -23.39
C ALA A 1557 -14.15 26.16 -22.18
N ILE A 1558 -12.81 26.17 -22.12
CA ILE A 1558 -12.11 26.79 -21.00
C ILE A 1558 -12.41 28.29 -20.95
N VAL A 1559 -12.34 28.96 -22.11
CA VAL A 1559 -12.58 30.41 -22.09
C VAL A 1559 -14.05 30.71 -21.78
N LEU A 1560 -14.97 29.84 -22.20
CA LEU A 1560 -16.38 30.03 -21.86
C LEU A 1560 -16.61 29.89 -20.37
N LEU A 1561 -16.00 28.86 -19.75
CA LEU A 1561 -16.11 28.72 -18.31
C LEU A 1561 -15.48 29.91 -17.59
N SER A 1562 -14.36 30.40 -18.11
CA SER A 1562 -13.68 31.53 -17.49
C SER A 1562 -14.54 32.79 -17.54
N VAL A 1563 -15.10 33.10 -18.71
CA VAL A 1563 -15.93 34.29 -18.83
C VAL A 1563 -17.22 34.13 -18.03
N MET A 1564 -17.75 32.91 -17.93
CA MET A 1564 -18.89 32.68 -17.06
C MET A 1564 -18.53 32.99 -15.60
N GLY A 1565 -17.36 32.52 -15.16
CA GLY A 1565 -16.95 32.77 -13.78
C GLY A 1565 -16.73 34.24 -13.48
N ILE A 1566 -16.04 34.95 -14.38
CA ILE A 1566 -15.71 36.34 -14.09
C ILE A 1566 -16.94 37.23 -14.09
N THR A 1567 -17.95 36.90 -14.90
CA THR A 1567 -19.16 37.73 -14.94
C THR A 1567 -19.88 37.73 -13.59
N LEU A 1568 -19.96 36.57 -12.94
CA LEU A 1568 -20.60 36.50 -11.63
C LEU A 1568 -19.89 37.37 -10.61
N GLU A 1569 -18.60 37.62 -10.79
CA GLU A 1569 -17.88 38.50 -9.87
C GLU A 1569 -18.43 39.92 -9.91
N GLU A 1570 -18.70 40.43 -11.12
CA GLU A 1570 -19.24 41.77 -11.26
C GLU A 1570 -20.60 41.91 -10.57
N ILE A 1571 -21.32 40.81 -10.38
CA ILE A 1571 -22.62 40.87 -9.70
C ILE A 1571 -22.46 41.30 -8.25
N GLU A 1572 -21.36 40.91 -7.60
CA GLU A 1572 -21.12 41.26 -6.21
C GLU A 1572 -20.52 42.64 -6.05
N ILE A 1573 -20.24 43.35 -7.14
CA ILE A 1573 -19.76 44.72 -7.06
C ILE A 1573 -20.92 45.71 -7.17
N ASN A 1574 -21.82 45.48 -8.12
CA ASN A 1574 -23.00 46.32 -8.30
C ASN A 1574 -24.21 45.82 -7.53
N ALA A 1575 -24.10 44.67 -6.86
CA ALA A 1575 -25.22 44.06 -6.12
C ALA A 1575 -26.43 43.89 -7.03
N ALA A 1576 -26.18 43.45 -8.26
CA ALA A 1576 -27.27 43.29 -9.22
C ALA A 1576 -28.27 42.22 -8.77
N LEU A 1577 -27.77 41.10 -8.26
CA LEU A 1577 -28.64 40.03 -7.81
C LEU A 1577 -27.91 39.21 -6.75
N PRO A 1578 -28.61 38.72 -5.72
CA PRO A 1578 -27.94 37.85 -4.75
C PRO A 1578 -27.64 36.48 -5.34
N ILE A 1579 -26.36 36.22 -5.61
CA ILE A 1579 -25.93 34.97 -6.21
C ILE A 1579 -25.61 33.96 -5.12
N ASN A 1580 -26.08 32.73 -5.30
CA ASN A 1580 -25.79 31.68 -4.34
C ASN A 1580 -24.28 31.47 -4.25
N PRO A 1581 -23.70 31.50 -3.05
CA PRO A 1581 -22.24 31.28 -2.94
C PRO A 1581 -21.80 29.91 -3.44
N THR A 1582 -22.70 28.94 -3.49
CA THR A 1582 -22.34 27.62 -4.02
C THR A 1582 -21.97 27.71 -5.49
N ILE A 1583 -22.68 28.52 -6.26
CA ILE A 1583 -22.36 28.70 -7.67
C ILE A 1583 -20.99 29.35 -7.83
N ILE A 1584 -20.70 30.35 -7.01
CA ILE A 1584 -19.38 30.97 -7.03
C ILE A 1584 -18.30 29.95 -6.68
N ARG A 1585 -18.58 29.11 -5.69
CA ARG A 1585 -17.64 28.06 -5.32
C ARG A 1585 -17.39 27.10 -6.47
N ILE A 1586 -18.44 26.70 -7.17
CA ILE A 1586 -18.30 25.80 -8.31
C ILE A 1586 -17.47 26.45 -9.40
N MET A 1587 -17.75 27.73 -9.70
CA MET A 1587 -16.98 28.42 -10.73
C MET A 1587 -15.50 28.52 -10.36
N ARG A 1588 -15.21 28.87 -9.11
CA ARG A 1588 -13.83 28.96 -8.67
C ARG A 1588 -13.14 27.60 -8.73
N VAL A 1589 -13.81 26.56 -8.24
CA VAL A 1589 -13.19 25.24 -8.16
C VAL A 1589 -13.01 24.65 -9.54
N LEU A 1590 -13.82 25.04 -10.52
CA LEU A 1590 -13.66 24.56 -11.88
C LEU A 1590 -12.89 25.53 -12.76
N ARG A 1591 -12.40 26.64 -12.20
CA ARG A 1591 -11.35 27.39 -12.90
C ARG A 1591 -10.09 26.57 -13.07
N ILE A 1592 -9.92 25.49 -12.30
CA ILE A 1592 -8.73 24.65 -12.37
C ILE A 1592 -8.58 24.01 -13.74
N ALA A 1593 -9.65 23.98 -14.55
CA ALA A 1593 -9.62 23.30 -15.83
C ALA A 1593 -8.68 23.96 -16.83
N ARG A 1594 -8.22 25.18 -16.56
CA ARG A 1594 -7.27 25.84 -17.44
C ARG A 1594 -5.89 25.20 -17.40
N VAL A 1595 -5.64 24.30 -16.44
CA VAL A 1595 -4.42 23.50 -16.45
C VAL A 1595 -4.39 22.57 -17.66
N LEU A 1596 -5.57 22.15 -18.13
CA LEU A 1596 -5.67 21.11 -19.15
C LEU A 1596 -5.01 21.51 -20.46
N LYS A 1597 -4.78 22.80 -20.69
CA LYS A 1597 -4.13 23.21 -21.93
C LYS A 1597 -2.65 22.83 -21.98
N LEU A 1598 -2.05 22.52 -20.82
CA LEU A 1598 -0.69 21.99 -20.81
C LEU A 1598 -0.57 20.65 -21.53
N LEU A 1599 -1.69 19.93 -21.68
CA LEU A 1599 -1.64 18.62 -22.32
C LEU A 1599 -1.21 18.70 -23.78
N LYS A 1600 -1.37 19.86 -24.42
CA LYS A 1600 -1.00 19.98 -25.83
C LYS A 1600 0.50 19.83 -26.02
N MET A 1601 1.30 20.61 -25.29
CA MET A 1601 2.75 20.54 -25.45
C MET A 1601 3.35 19.32 -24.78
N ALA A 1602 2.78 18.86 -23.68
CA ALA A 1602 3.26 17.65 -23.01
C ALA A 1602 2.83 16.45 -23.85
N THR A 1603 3.53 16.27 -24.98
CA THR A 1603 3.24 15.14 -25.86
C THR A 1603 3.52 13.82 -25.16
N GLY A 1604 4.44 13.82 -24.19
CA GLY A 1604 4.63 12.64 -23.37
C GLY A 1604 3.39 12.29 -22.56
N MET A 1605 2.67 13.31 -22.09
CA MET A 1605 1.40 13.06 -21.42
C MET A 1605 0.43 12.38 -22.37
N ARG A 1606 0.34 12.89 -23.60
CA ARG A 1606 -0.53 12.27 -24.59
C ARG A 1606 -0.15 10.81 -24.79
N ALA A 1607 1.14 10.55 -24.98
CA ALA A 1607 1.58 9.18 -25.23
C ALA A 1607 1.26 8.25 -24.07
N LEU A 1608 1.65 8.64 -22.85
CA LEU A 1608 1.49 7.77 -21.69
C LEU A 1608 0.01 7.56 -21.36
N LEU A 1609 -0.77 8.65 -21.30
CA LEU A 1609 -2.18 8.51 -21.00
C LEU A 1609 -2.91 7.73 -22.08
N ASP A 1610 -2.54 7.92 -23.35
CA ASP A 1610 -3.12 7.08 -24.40
C ASP A 1610 -2.79 5.61 -24.15
N THR A 1611 -1.51 5.31 -23.91
CA THR A 1611 -1.10 3.95 -23.62
C THR A 1611 -1.96 3.33 -22.52
N VAL A 1612 -2.30 4.14 -21.52
CA VAL A 1612 -3.31 3.71 -20.55
C VAL A 1612 -4.67 3.49 -21.23
N VAL A 1613 -5.04 4.38 -22.16
CA VAL A 1613 -6.39 4.38 -22.71
C VAL A 1613 -6.67 3.10 -23.51
N GLN A 1614 -5.74 2.69 -24.37
CA GLN A 1614 -6.01 1.43 -25.06
C GLN A 1614 -5.73 0.20 -24.20
N ALA A 1615 -5.59 0.36 -22.88
CA ALA A 1615 -5.65 -0.75 -21.96
C ALA A 1615 -7.02 -0.92 -21.31
N LEU A 1616 -7.94 0.03 -21.55
CA LEU A 1616 -9.29 0.00 -20.98
C LEU A 1616 -10.15 -1.21 -21.34
N PRO A 1617 -9.90 -1.95 -22.41
CA PRO A 1617 -10.58 -3.24 -22.52
C PRO A 1617 -10.29 -4.11 -21.28
N GLN A 1618 -9.02 -4.41 -21.07
CA GLN A 1618 -8.64 -5.24 -19.93
C GLN A 1618 -8.88 -4.54 -18.60
N VAL A 1619 -8.48 -3.27 -18.51
CA VAL A 1619 -8.63 -2.55 -17.23
C VAL A 1619 -10.09 -2.40 -16.87
N GLY A 1620 -10.93 -2.07 -17.85
CA GLY A 1620 -12.36 -1.96 -17.58
C GLY A 1620 -13.00 -3.28 -17.21
N ASN A 1621 -12.62 -4.37 -17.89
CA ASN A 1621 -13.17 -5.67 -17.53
C ASN A 1621 -12.77 -6.08 -16.12
N LEU A 1622 -11.50 -5.88 -15.76
CA LEU A 1622 -11.07 -6.17 -14.40
C LEU A 1622 -11.73 -5.26 -13.39
N GLY A 1623 -12.00 -4.01 -13.75
CA GLY A 1623 -12.72 -3.12 -12.84
C GLY A 1623 -14.15 -3.57 -12.62
N LEU A 1624 -14.79 -4.07 -13.67
CA LEU A 1624 -16.13 -4.63 -13.51
C LEU A 1624 -16.10 -5.86 -12.62
N LEU A 1625 -15.12 -6.73 -12.81
CA LEU A 1625 -14.95 -7.88 -11.92
C LEU A 1625 -14.71 -7.43 -10.48
N PHE A 1626 -13.98 -6.34 -10.30
CA PHE A 1626 -13.62 -5.86 -8.97
C PHE A 1626 -14.83 -5.23 -8.28
N MET A 1627 -15.67 -4.54 -9.05
CA MET A 1627 -16.95 -4.07 -8.52
C MET A 1627 -17.85 -5.23 -8.15
N LEU A 1628 -17.83 -6.30 -8.96
CA LEU A 1628 -18.58 -7.50 -8.62
C LEU A 1628 -18.10 -8.12 -7.32
N LEU A 1629 -16.78 -8.18 -7.15
CA LEU A 1629 -16.21 -8.69 -5.90
C LEU A 1629 -16.65 -7.85 -4.72
N PHE A 1630 -16.61 -6.52 -4.87
CA PHE A 1630 -17.12 -5.64 -3.81
C PHE A 1630 -18.57 -5.95 -3.50
N PHE A 1631 -19.39 -6.11 -4.54
CA PHE A 1631 -20.81 -6.38 -4.31
C PHE A 1631 -21.00 -7.64 -3.49
N ILE A 1632 -20.38 -8.73 -3.93
CA ILE A 1632 -20.57 -10.02 -3.26
C ILE A 1632 -20.08 -9.95 -1.83
N TYR A 1633 -18.86 -9.44 -1.63
CA TYR A 1633 -18.28 -9.46 -0.29
C TYR A 1633 -18.97 -8.45 0.60
N ALA A 1634 -19.54 -7.39 0.03
CA ALA A 1634 -20.26 -6.40 0.82
C ALA A 1634 -21.59 -6.96 1.32
N ALA A 1635 -22.33 -7.65 0.45
CA ALA A 1635 -23.56 -8.30 0.91
C ALA A 1635 -23.26 -9.37 1.95
N LEU A 1636 -22.21 -10.15 1.72
CA LEU A 1636 -21.84 -11.20 2.66
C LEU A 1636 -21.46 -10.62 4.01
N GLY A 1637 -20.70 -9.52 4.00
CA GLY A 1637 -20.40 -8.83 5.24
C GLY A 1637 -21.61 -8.20 5.90
N VAL A 1638 -22.54 -7.69 5.11
CA VAL A 1638 -23.78 -7.14 5.68
C VAL A 1638 -24.50 -8.19 6.50
N GLU A 1639 -24.59 -9.41 5.97
CA GLU A 1639 -25.30 -10.39 6.79
C GLU A 1639 -24.44 -10.92 7.94
N LEU A 1640 -23.13 -11.10 7.75
CA LEU A 1640 -22.31 -11.61 8.84
C LEU A 1640 -22.19 -10.61 9.98
N PHE A 1641 -21.63 -9.44 9.70
CA PHE A 1641 -21.29 -8.46 10.71
C PHE A 1641 -22.32 -7.34 10.84
N GLY A 1642 -23.51 -7.52 10.26
CA GLY A 1642 -24.48 -6.44 10.22
C GLY A 1642 -24.93 -6.01 11.59
N LYS A 1643 -25.26 -6.96 12.45
CA LYS A 1643 -25.81 -6.65 13.76
C LYS A 1643 -24.76 -6.15 14.75
N LEU A 1644 -23.52 -5.92 14.30
CA LEU A 1644 -22.47 -5.47 15.19
C LEU A 1644 -22.70 -4.01 15.56
N VAL A 1645 -23.19 -3.76 16.77
CA VAL A 1645 -23.51 -2.41 17.21
C VAL A 1645 -22.23 -1.69 17.62
N CYS A 1646 -22.04 -0.49 17.08
CA CYS A 1646 -20.92 0.37 17.43
C CYS A 1646 -21.44 1.47 18.36
N ASN A 1647 -20.95 1.50 19.59
CA ASN A 1647 -21.40 2.45 20.58
C ASN A 1647 -20.34 2.56 21.67
N ASP A 1648 -20.67 3.26 22.76
CA ASP A 1648 -19.75 3.35 23.88
C ASP A 1648 -19.52 1.98 24.53
N GLU A 1649 -20.58 1.20 24.68
CA GLU A 1649 -20.47 -0.13 25.26
C GLU A 1649 -19.62 -1.07 24.41
N ASN A 1650 -19.49 -0.79 23.12
CA ASN A 1650 -18.68 -1.59 22.20
C ASN A 1650 -17.71 -0.64 21.50
N PRO A 1651 -16.61 -0.28 22.16
CA PRO A 1651 -15.70 0.72 21.58
C PRO A 1651 -15.03 0.22 20.32
N CYS A 1652 -15.41 0.78 19.18
CA CYS A 1652 -14.91 0.30 17.90
C CYS A 1652 -13.46 0.72 17.69
N GLU A 1653 -12.78 -0.01 16.82
CA GLU A 1653 -11.44 0.34 16.40
C GLU A 1653 -11.34 0.66 14.92
N GLY A 1654 -12.06 -0.05 14.06
CA GLY A 1654 -11.96 0.18 12.63
C GLY A 1654 -13.21 0.68 11.94
N MET A 1655 -14.38 0.27 12.41
CA MET A 1655 -15.64 0.75 11.86
C MET A 1655 -16.05 1.98 12.65
N SER A 1656 -15.75 3.17 12.13
CA SER A 1656 -15.87 4.37 12.96
C SER A 1656 -17.30 4.92 12.98
N ARG A 1657 -17.75 5.49 11.86
CA ARG A 1657 -19.09 6.08 11.83
C ARG A 1657 -19.96 5.56 10.71
N HIS A 1658 -19.44 5.57 9.49
CA HIS A 1658 -20.15 5.05 8.32
C HIS A 1658 -19.52 3.80 7.76
N ALA A 1659 -18.53 3.24 8.44
CA ALA A 1659 -17.89 2.01 8.01
C ALA A 1659 -18.50 0.76 8.62
N THR A 1660 -19.34 0.90 9.64
CA THR A 1660 -20.00 -0.26 10.22
C THR A 1660 -20.81 -0.99 9.16
N PHE A 1661 -20.95 -2.30 9.35
CA PHE A 1661 -21.60 -3.17 8.37
C PHE A 1661 -23.12 -3.10 8.44
N GLU A 1662 -23.68 -2.12 9.14
CA GLU A 1662 -25.12 -2.06 9.39
C GLU A 1662 -25.93 -2.04 8.10
N ASN A 1663 -25.79 -0.99 7.32
CA ASN A 1663 -26.49 -0.90 6.04
C ASN A 1663 -25.72 -1.68 4.99
N PHE A 1664 -26.10 -1.54 3.72
CA PHE A 1664 -25.27 -2.09 2.66
C PHE A 1664 -24.16 -1.10 2.29
N GLY A 1665 -24.52 0.15 1.98
CA GLY A 1665 -23.52 1.11 1.55
C GLY A 1665 -22.48 1.39 2.62
N MET A 1666 -22.90 1.38 3.89
CA MET A 1666 -21.95 1.53 4.98
C MET A 1666 -21.02 0.32 5.07
N ALA A 1667 -21.34 -0.77 4.38
CA ALA A 1667 -20.43 -1.89 4.25
C ALA A 1667 -19.62 -1.82 2.97
N PHE A 1668 -20.16 -1.22 1.92
CA PHE A 1668 -19.39 -1.01 0.70
C PHE A 1668 -18.24 -0.04 0.97
N LEU A 1669 -18.49 0.99 1.78
CA LEU A 1669 -17.43 1.90 2.15
C LEU A 1669 -16.32 1.18 2.90
N THR A 1670 -16.68 0.31 3.85
CA THR A 1670 -15.65 -0.36 4.63
C THR A 1670 -14.95 -1.46 3.84
N LEU A 1671 -15.62 -2.04 2.85
CA LEU A 1671 -14.94 -2.97 1.96
C LEU A 1671 -13.95 -2.23 1.07
N PHE A 1672 -14.31 -1.02 0.63
CA PHE A 1672 -13.33 -0.18 -0.06
C PHE A 1672 -12.17 0.15 0.85
N GLN A 1673 -12.44 0.50 2.10
CA GLN A 1673 -11.39 0.85 3.04
C GLN A 1673 -10.45 -0.32 3.30
N VAL A 1674 -11.00 -1.53 3.43
CA VAL A 1674 -10.18 -2.73 3.55
C VAL A 1674 -9.36 -2.94 2.28
N SER A 1675 -10.00 -2.76 1.12
CA SER A 1675 -9.29 -2.92 -0.15
C SER A 1675 -8.10 -1.99 -0.26
N THR A 1676 -8.20 -0.79 0.32
CA THR A 1676 -7.07 0.14 0.35
C THR A 1676 -6.10 -0.16 1.48
N GLY A 1677 -6.37 -1.19 2.29
CA GLY A 1677 -5.45 -1.56 3.34
C GLY A 1677 -5.22 -0.48 4.36
N ASP A 1678 -6.23 0.31 4.66
CA ASP A 1678 -6.17 1.29 5.75
C ASP A 1678 -6.99 0.75 6.91
N ASN A 1679 -6.30 0.28 7.95
CA ASN A 1679 -6.93 -0.17 9.19
C ASN A 1679 -7.95 -1.29 8.93
N TRP A 1680 -7.60 -2.21 8.02
CA TRP A 1680 -8.45 -3.38 7.83
C TRP A 1680 -8.30 -4.36 8.98
N ASN A 1681 -7.09 -4.47 9.53
CA ASN A 1681 -6.89 -5.33 10.69
C ASN A 1681 -7.70 -4.83 11.87
N GLY A 1682 -7.78 -3.51 12.03
CA GLY A 1682 -8.64 -2.97 13.06
C GLY A 1682 -10.08 -3.40 12.89
N ILE A 1683 -10.58 -3.30 11.67
CA ILE A 1683 -11.96 -3.70 11.38
C ILE A 1683 -12.17 -5.16 11.73
N MET A 1684 -11.22 -6.02 11.34
CA MET A 1684 -11.39 -7.43 11.63
C MET A 1684 -11.25 -7.70 13.12
N LYS A 1685 -10.57 -6.81 13.85
CA LYS A 1685 -10.58 -6.89 15.31
C LYS A 1685 -11.94 -6.53 15.88
N ASP A 1686 -12.62 -5.56 15.27
CA ASP A 1686 -14.00 -5.28 15.70
C ASP A 1686 -14.92 -6.46 15.44
N THR A 1687 -14.80 -7.09 14.27
CA THR A 1687 -15.72 -8.18 13.93
C THR A 1687 -15.59 -9.33 14.92
N LEU A 1688 -14.37 -9.81 15.13
CA LEU A 1688 -14.11 -10.88 16.11
C LEU A 1688 -13.97 -10.22 17.47
N ARG A 1689 -15.05 -10.26 18.24
CA ARG A 1689 -15.12 -9.54 19.52
C ARG A 1689 -16.22 -10.15 20.36
N ASP A 1690 -15.85 -10.71 21.50
CA ASP A 1690 -16.83 -11.24 22.44
C ASP A 1690 -17.65 -10.08 23.00
N CYS A 1691 -18.96 -10.09 22.77
CA CYS A 1691 -19.80 -8.98 23.17
C CYS A 1691 -20.37 -9.25 24.56
N THR A 1692 -21.29 -8.39 24.99
CA THR A 1692 -21.98 -8.61 26.27
C THR A 1692 -23.26 -9.42 26.08
N HIS A 1693 -23.14 -10.52 25.34
CA HIS A 1693 -24.23 -11.49 25.11
C HIS A 1693 -25.50 -10.82 24.60
N ASP A 1694 -25.40 -9.62 24.02
CA ASP A 1694 -26.56 -8.94 23.49
C ASP A 1694 -26.97 -9.43 22.11
N GLU A 1695 -26.16 -10.27 21.47
CA GLU A 1695 -26.47 -10.79 20.15
C GLU A 1695 -25.73 -12.10 19.95
N ARG A 1696 -26.27 -12.95 19.08
CA ARG A 1696 -25.65 -14.23 18.80
C ARG A 1696 -24.34 -14.09 18.04
N SER A 1697 -24.20 -12.99 17.27
CA SER A 1697 -23.08 -12.88 16.34
C SER A 1697 -21.73 -12.91 17.06
N CYS A 1698 -21.61 -12.21 18.19
CA CYS A 1698 -20.36 -12.22 18.93
C CYS A 1698 -20.05 -13.62 19.44
N LEU A 1699 -21.06 -14.33 19.94
CA LEU A 1699 -20.91 -15.68 20.46
C LEU A 1699 -21.05 -16.74 19.39
N SER A 1700 -21.28 -16.36 18.14
CA SER A 1700 -21.46 -17.31 17.05
C SER A 1700 -20.10 -17.82 16.58
N SER A 1701 -20.08 -18.44 15.41
CA SER A 1701 -18.86 -18.99 14.83
C SER A 1701 -18.08 -17.95 14.03
N LEU A 1702 -18.23 -16.67 14.39
CA LEU A 1702 -17.52 -15.61 13.69
C LEU A 1702 -16.01 -15.78 13.74
N GLN A 1703 -15.48 -16.52 14.71
CA GLN A 1703 -14.05 -16.77 14.73
C GLN A 1703 -13.61 -17.62 13.54
N PHE A 1704 -14.49 -18.50 13.06
CA PHE A 1704 -14.15 -19.35 11.93
C PHE A 1704 -14.13 -18.56 10.62
N VAL A 1705 -15.04 -17.61 10.47
CA VAL A 1705 -15.33 -17.03 9.17
C VAL A 1705 -14.88 -15.59 9.02
N SER A 1706 -14.86 -14.80 10.09
CA SER A 1706 -14.43 -13.40 9.98
C SER A 1706 -12.98 -13.26 9.53
N PRO A 1707 -12.00 -13.90 10.17
CA PRO A 1707 -10.65 -13.83 9.60
C PRO A 1707 -10.57 -14.39 8.20
N LEU A 1708 -11.31 -15.47 7.93
CA LEU A 1708 -11.33 -16.02 6.57
C LEU A 1708 -11.99 -15.04 5.59
N TYR A 1709 -13.09 -14.41 6.01
CA TYR A 1709 -13.70 -13.33 5.24
C TYR A 1709 -12.66 -12.29 4.82
N PHE A 1710 -12.02 -11.67 5.80
CA PHE A 1710 -11.12 -10.55 5.51
C PHE A 1710 -9.90 -11.01 4.73
N VAL A 1711 -9.35 -12.17 5.05
CA VAL A 1711 -8.18 -12.67 4.34
C VAL A 1711 -8.51 -12.91 2.89
N SER A 1712 -9.64 -13.58 2.62
CA SER A 1712 -10.00 -13.88 1.24
C SER A 1712 -10.28 -12.61 0.46
N PHE A 1713 -10.96 -11.64 1.08
CA PHE A 1713 -11.23 -10.40 0.36
C PHE A 1713 -9.94 -9.66 0.04
N VAL A 1714 -9.03 -9.55 1.01
CA VAL A 1714 -7.78 -8.86 0.78
C VAL A 1714 -7.01 -9.52 -0.35
N LEU A 1715 -6.92 -10.85 -0.33
CA LEU A 1715 -6.16 -11.55 -1.35
C LEU A 1715 -6.78 -11.36 -2.73
N THR A 1716 -8.11 -11.52 -2.84
CA THR A 1716 -8.74 -11.38 -4.15
C THR A 1716 -8.61 -9.96 -4.68
N ALA A 1717 -8.77 -8.96 -3.81
CA ALA A 1717 -8.64 -7.57 -4.24
C ALA A 1717 -7.23 -7.28 -4.74
N GLN A 1718 -6.22 -7.70 -3.96
CA GLN A 1718 -4.84 -7.47 -4.38
C GLN A 1718 -4.54 -8.16 -5.70
N PHE A 1719 -5.02 -9.40 -5.88
CA PHE A 1719 -4.76 -10.10 -7.13
C PHE A 1719 -5.42 -9.39 -8.32
N VAL A 1720 -6.66 -8.92 -8.14
CA VAL A 1720 -7.33 -8.22 -9.22
C VAL A 1720 -6.58 -6.95 -9.60
N LEU A 1721 -6.14 -6.18 -8.60
CA LEU A 1721 -5.41 -4.95 -8.90
C LEU A 1721 -4.06 -5.24 -9.53
N ILE A 1722 -3.38 -6.30 -9.08
CA ILE A 1722 -2.13 -6.71 -9.70
C ILE A 1722 -2.34 -7.04 -11.17
N ASN A 1723 -3.43 -7.74 -11.49
CA ASN A 1723 -3.66 -8.06 -12.90
C ASN A 1723 -4.05 -6.83 -13.71
N VAL A 1724 -4.71 -5.85 -13.10
CA VAL A 1724 -4.93 -4.58 -13.79
C VAL A 1724 -3.59 -3.95 -14.14
N VAL A 1725 -2.68 -3.90 -13.16
CA VAL A 1725 -1.37 -3.31 -13.37
C VAL A 1725 -0.62 -4.06 -14.46
N VAL A 1726 -0.71 -5.39 -14.45
CA VAL A 1726 -0.02 -6.21 -15.44
C VAL A 1726 -0.58 -5.94 -16.83
N ALA A 1727 -1.91 -5.82 -16.95
CA ALA A 1727 -2.49 -5.49 -18.25
C ALA A 1727 -1.97 -4.16 -18.76
N VAL A 1728 -1.91 -3.15 -17.88
CA VAL A 1728 -1.36 -1.85 -18.28
C VAL A 1728 0.09 -2.01 -18.72
N LEU A 1729 0.86 -2.81 -17.99
CA LEU A 1729 2.27 -3.01 -18.31
C LEU A 1729 2.44 -3.64 -19.69
N MET A 1730 1.67 -4.69 -19.98
CA MET A 1730 1.84 -5.35 -21.27
C MET A 1730 1.36 -4.46 -22.41
N LYS A 1731 0.31 -3.67 -22.19
CA LYS A 1731 -0.08 -2.72 -23.24
C LYS A 1731 1.00 -1.66 -23.44
N HIS A 1732 1.66 -1.24 -22.36
CA HIS A 1732 2.76 -0.30 -22.49
C HIS A 1732 3.91 -0.88 -23.28
N LEU A 1733 4.26 -2.14 -23.02
CA LEU A 1733 5.35 -2.78 -23.76
C LEU A 1733 4.97 -2.99 -25.21
N ASP A 1734 3.70 -3.32 -25.49
CA ASP A 1734 3.26 -3.44 -26.87
C ASP A 1734 3.31 -2.09 -27.58
N ASP A 1735 2.99 -1.01 -26.88
CA ASP A 1735 3.17 0.32 -27.46
C ASP A 1735 4.64 0.61 -27.72
N SER A 1736 5.52 0.17 -26.83
CA SER A 1736 6.95 0.28 -27.08
C SER A 1736 7.35 -0.49 -28.32
N ASN A 1737 6.67 -1.61 -28.60
CA ASN A 1737 6.92 -2.32 -29.86
C ASN A 1737 6.57 -1.46 -31.06
N LYS A 1738 5.45 -0.75 -31.00
CA LYS A 1738 5.06 0.15 -32.08
C LYS A 1738 5.62 1.54 -31.86
#